data_5A2Z
#
_entry.id   5A2Z
#
_cell.length_a   59.746
_cell.length_b   94.364
_cell.length_c   192.014
_cell.angle_alpha   90.00
_cell.angle_beta   90.00
_cell.angle_gamma   90.00
#
_symmetry.space_group_name_H-M   'P 21 21 21'
#
loop_
_entity.id
_entity.type
_entity.pdbx_description
1 polymer 'MITOCHONDRIAL PROTEIN'
2 non-polymer "GUANOSINE-5'-TRIPHOSPHATE"
3 non-polymer 'MAGNESIUM ION'
4 water water
#
_entity_poly.entity_id   1
_entity_poly.type   'polypeptide(L)'
_entity_poly.pdbx_seq_one_letter_code
;MHHHHHHSSGVDLGTENLYFQSMAGGAEETDAEVSARKKTFTEVQTERLEQADRSVLIKCPSKLNEKKLLQYLSSHGKID
NYFFFENRGIHALIEFSEKSSVASLQAVTGIPKAAEHHVVPYKSRLFTFTLKNPGSQAAEERPVKISPQSHIPVNELIPK
LCHADSISSQMYILLNEYQLTEENIKLRYLACSLVRDFARAYFPDSTVKPFGSSVNTFGKLGCDVDMFLDFHDIQKHATK
MKKGPFEMEYQMKRLPSERLATQKILSIIGDCLDNFGPGYSSVQKILNARCPLVKFSHQPTGFQCDLSVSNSIAIRCSEL
LYIYGCLDPRVRALVFSLRCWARVHGLTNSVPGTWITNFSLTMMIMFFLQKRSPPIIPTLDQLKELADEKDKHVIGGYDC
SFVSDLSKIKPTKNTETLDELLCDFFQYFGNFDFRKNSLNLRKGKEVNKPESSPLYIWNPFEQDLNISKNVNQPQLEKFV
AMARESAWILQKEDKTQQMINKEPWGLAAVLIPFGKSNPNTMKSRTKGIGSETIKSLLDSLKLSDANNLQKAVGK
;
_entity_poly.pdbx_strand_id   A,B
#
# COMPACT_ATOMS: atom_id res chain seq x y z
N LYS A 39 -32.21 14.34 -12.83
CA LYS A 39 -30.73 14.14 -12.71
C LYS A 39 -30.33 12.81 -13.36
N THR A 40 -29.20 12.80 -14.07
CA THR A 40 -28.73 11.60 -14.76
C THR A 40 -27.96 10.66 -13.83
N PHE A 41 -27.89 9.39 -14.21
CA PHE A 41 -27.13 8.37 -13.49
C PHE A 41 -25.72 8.85 -13.15
N THR A 42 -25.06 9.46 -14.14
CA THR A 42 -23.69 9.92 -13.99
C THR A 42 -23.56 11.06 -12.96
N GLU A 43 -24.53 11.97 -12.99
CA GLU A 43 -24.57 13.06 -12.01
C GLU A 43 -24.80 12.55 -10.60
N VAL A 44 -25.70 11.57 -10.47
CA VAL A 44 -25.99 10.96 -9.17
C VAL A 44 -24.75 10.25 -8.63
N GLN A 45 -24.04 9.52 -9.49
CA GLN A 45 -22.80 8.82 -9.09
C GLN A 45 -21.75 9.79 -8.56
N THR A 46 -21.45 10.81 -9.36
CA THR A 46 -20.48 11.84 -8.99
C THR A 46 -20.84 12.51 -7.67
N GLU A 47 -22.10 12.93 -7.54
CA GLU A 47 -22.57 13.62 -6.35
C GLU A 47 -22.49 12.74 -5.11
N ARG A 48 -22.87 11.47 -5.24
CA ARG A 48 -22.80 10.51 -4.13
C ARG A 48 -21.36 10.21 -3.71
N LEU A 49 -20.46 10.11 -4.68
CA LEU A 49 -19.04 9.86 -4.41
C LEU A 49 -18.34 11.06 -3.81
N GLU A 50 -18.77 12.25 -4.23
CA GLU A 50 -18.22 13.49 -3.70
C GLU A 50 -18.66 13.65 -2.25
N GLN A 51 -19.91 13.27 -1.96
CA GLN A 51 -20.43 13.26 -0.60
C GLN A 51 -19.73 12.23 0.29
N ALA A 52 -19.53 11.02 -0.25
CA ALA A 52 -18.83 9.98 0.48
C ALA A 52 -17.38 10.36 0.74
N ASP A 53 -16.79 11.06 -0.22
CA ASP A 53 -15.40 11.52 -0.15
C ASP A 53 -15.13 12.35 1.10
N ARG A 54 -16.14 13.11 1.53
CA ARG A 54 -16.03 13.98 2.69
C ARG A 54 -16.90 13.46 3.84
N SER A 55 -16.86 12.14 4.05
CA SER A 55 -17.64 11.49 5.11
C SER A 55 -16.77 10.55 5.91
N VAL A 56 -17.12 10.35 7.18
CA VAL A 56 -16.39 9.43 8.06
C VAL A 56 -17.35 8.57 8.87
N LEU A 57 -16.80 7.55 9.54
CA LEU A 57 -17.56 6.69 10.43
C LEU A 57 -16.97 6.78 11.83
N ILE A 58 -17.84 6.91 12.83
CA ILE A 58 -17.42 7.08 14.22
C ILE A 58 -18.09 6.05 15.11
N LYS A 59 -17.31 5.10 15.62
CA LYS A 59 -17.81 4.17 16.62
C LYS A 59 -18.07 4.96 17.89
N CYS A 60 -19.34 5.09 18.26
CA CYS A 60 -19.73 5.92 19.40
C CYS A 60 -19.56 5.16 20.71
N PRO A 61 -19.46 5.90 21.83
CA PRO A 61 -19.40 5.24 23.14
C PRO A 61 -20.75 4.66 23.58
N SER A 62 -20.74 3.95 24.71
CA SER A 62 -21.96 3.34 25.26
C SER A 62 -23.00 4.40 25.57
N LYS A 63 -22.63 5.35 26.43
CA LYS A 63 -23.47 6.51 26.70
C LYS A 63 -23.16 7.55 25.64
N LEU A 64 -24.20 8.11 25.03
CA LEU A 64 -24.01 9.02 23.91
C LEU A 64 -24.94 10.23 23.98
N ASN A 65 -24.35 11.41 24.07
CA ASN A 65 -25.07 12.67 23.89
C ASN A 65 -24.85 13.18 22.47
N GLU A 66 -25.86 13.00 21.63
CA GLU A 66 -25.78 13.35 20.21
C GLU A 66 -25.36 14.81 19.99
N LYS A 67 -26.04 15.74 20.64
CA LYS A 67 -25.82 17.16 20.43
C LYS A 67 -24.38 17.59 20.72
N LYS A 68 -23.86 17.16 21.88
CA LYS A 68 -22.48 17.48 22.27
C LYS A 68 -21.49 17.00 21.21
N LEU A 69 -21.64 15.74 20.79
CA LEU A 69 -20.81 15.14 19.75
C LEU A 69 -20.85 15.95 18.45
N LEU A 70 -22.05 16.30 18.01
CA LEU A 70 -22.22 17.08 16.78
C LEU A 70 -21.69 18.50 16.94
N GLN A 71 -21.96 19.09 18.10
CA GLN A 71 -21.42 20.41 18.44
C GLN A 71 -19.90 20.40 18.38
N TYR A 72 -19.30 19.32 18.87
CA TYR A 72 -17.85 19.17 18.81
C TYR A 72 -17.36 18.98 17.37
N LEU A 73 -17.92 18.00 16.68
CA LEU A 73 -17.50 17.67 15.31
C LEU A 73 -17.66 18.85 14.35
N SER A 74 -18.66 19.70 14.60
CA SER A 74 -18.91 20.87 13.77
C SER A 74 -17.81 21.93 13.88
N SER A 75 -17.01 21.89 14.93
CA SER A 75 -15.86 22.80 15.07
C SER A 75 -14.84 22.58 13.95
N HIS A 76 -14.79 21.35 13.44
CA HIS A 76 -13.91 21.02 12.31
C HIS A 76 -14.50 21.43 10.97
N GLY A 77 -15.78 21.81 10.96
CA GLY A 77 -16.47 22.27 9.75
C GLY A 77 -17.94 21.95 9.77
N LYS A 78 -18.67 22.49 8.80
CA LYS A 78 -20.12 22.30 8.73
C LYS A 78 -20.48 20.86 8.38
N ILE A 79 -21.60 20.38 8.90
CA ILE A 79 -22.06 19.01 8.67
C ILE A 79 -23.37 19.02 7.89
N ASP A 80 -23.30 18.59 6.63
CA ASP A 80 -24.48 18.54 5.75
C ASP A 80 -25.48 17.47 6.17
N ASN A 81 -24.97 16.29 6.49
CA ASN A 81 -25.82 15.17 6.90
C ASN A 81 -25.14 14.25 7.88
N TYR A 82 -25.95 13.57 8.69
CA TYR A 82 -25.46 12.54 9.59
C TYR A 82 -26.59 11.59 9.99
N PHE A 83 -26.23 10.41 10.47
CA PHE A 83 -27.19 9.48 11.04
C PHE A 83 -26.47 8.45 11.88
N PHE A 84 -27.25 7.63 12.59
CA PHE A 84 -26.72 6.59 13.46
C PHE A 84 -27.28 5.25 13.03
N PHE A 85 -26.51 4.19 13.27
CA PHE A 85 -27.01 2.83 13.01
C PHE A 85 -26.37 1.84 13.98
N GLU A 86 -26.99 0.66 14.05
CA GLU A 86 -26.60 -0.40 14.98
C GLU A 86 -25.96 -1.63 14.33
N ASN A 87 -24.72 -1.92 14.73
CA ASN A 87 -23.96 -3.04 14.16
C ASN A 87 -22.78 -3.32 15.06
N ARG A 88 -22.94 -4.30 15.95
CA ARG A 88 -21.97 -4.55 17.01
C ARG A 88 -21.61 -3.23 17.69
N GLY A 89 -22.63 -2.55 18.21
CA GLY A 89 -22.46 -1.22 18.81
C GLY A 89 -23.04 -0.11 17.95
N ILE A 90 -23.03 1.11 18.50
CA ILE A 90 -23.58 2.28 17.81
C ILE A 90 -22.53 2.97 16.96
N HIS A 91 -22.78 2.98 15.65
CA HIS A 91 -21.94 3.71 14.70
C HIS A 91 -22.68 4.93 14.19
N ALA A 92 -21.93 5.93 13.76
CA ALA A 92 -22.50 7.15 13.20
C ALA A 92 -21.77 7.56 11.90
N LEU A 93 -22.53 7.89 10.86
CA LEU A 93 -21.96 8.44 9.64
C LEU A 93 -22.02 9.96 9.69
N ILE A 94 -20.90 10.61 9.40
CA ILE A 94 -20.81 12.06 9.43
C ILE A 94 -20.37 12.55 8.05
N GLU A 95 -21.22 13.35 7.40
CA GLU A 95 -20.91 13.92 6.09
C GLU A 95 -20.67 15.43 6.21
N PHE A 96 -19.40 15.83 6.10
CA PHE A 96 -19.03 17.25 6.17
C PHE A 96 -19.34 17.98 4.86
N SER A 97 -19.38 19.31 4.91
CA SER A 97 -19.57 20.14 3.71
C SER A 97 -18.27 20.28 2.91
N GLU A 98 -17.15 20.31 3.62
CA GLU A 98 -15.82 20.41 3.01
C GLU A 98 -15.01 19.16 3.33
N LYS A 99 -14.21 18.71 2.37
CA LYS A 99 -13.31 17.57 2.60
C LYS A 99 -12.17 17.96 3.57
N SER A 100 -11.82 19.24 3.59
CA SER A 100 -10.82 19.76 4.53
C SER A 100 -11.19 19.46 5.98
N SER A 101 -12.49 19.44 6.28
CA SER A 101 -12.98 19.05 7.60
C SER A 101 -12.50 17.67 8.04
N VAL A 102 -12.39 16.73 7.09
CA VAL A 102 -11.89 15.39 7.40
C VAL A 102 -10.44 15.49 7.86
N ALA A 103 -9.66 16.28 7.11
CA ALA A 103 -8.24 16.48 7.42
C ALA A 103 -8.07 17.12 8.78
N SER A 104 -8.88 18.14 9.06
CA SER A 104 -8.90 18.81 10.35
C SER A 104 -9.14 17.80 11.48
N LEU A 105 -10.18 16.99 11.33
CA LEU A 105 -10.51 15.96 12.32
C LEU A 105 -9.38 14.94 12.44
N GLN A 106 -8.82 14.55 11.30
CA GLN A 106 -7.71 13.60 11.28
C GLN A 106 -6.49 14.12 12.06
N ALA A 107 -6.26 15.43 11.96
CA ALA A 107 -5.13 16.08 12.63
C ALA A 107 -5.13 15.83 14.14
N VAL A 108 -6.29 16.02 14.78
CA VAL A 108 -6.39 15.87 16.24
C VAL A 108 -6.56 14.43 16.70
N THR A 109 -6.75 13.51 15.76
CA THR A 109 -6.98 12.11 16.10
C THR A 109 -5.65 11.43 16.42
N GLY A 110 -5.69 10.49 17.36
CA GLY A 110 -4.49 9.80 17.82
C GLY A 110 -4.51 8.29 17.57
N ILE A 111 -3.33 7.68 17.68
CA ILE A 111 -3.18 6.24 17.53
C ILE A 111 -3.47 5.59 18.88
N PRO A 112 -4.31 4.55 18.89
CA PRO A 112 -4.66 3.89 20.15
C PRO A 112 -3.45 3.73 21.06
N LYS A 113 -3.44 4.46 22.19
CA LYS A 113 -2.33 4.43 23.13
C LYS A 113 -2.22 3.06 23.81
N ALA A 114 -3.37 2.41 23.96
CA ALA A 114 -3.43 1.06 24.54
C ALA A 114 -2.77 0.00 23.63
N ALA A 115 -2.57 0.31 22.36
CA ALA A 115 -1.97 -0.60 21.43
C ALA A 115 -0.95 0.20 20.60
N GLU A 116 0.04 0.81 21.29
CA GLU A 116 1.17 1.42 20.65
C GLU A 116 2.03 1.03 19.40
N HIS A 117 2.69 -0.10 19.47
CA HIS A 117 3.57 -0.62 18.42
C HIS A 117 2.89 -1.95 17.98
N HIS A 118 1.76 -2.26 18.59
CA HIS A 118 1.00 -3.48 18.27
C HIS A 118 -0.05 -3.35 17.18
N VAL A 119 -0.11 -2.21 16.50
CA VAL A 119 -1.11 -1.97 15.45
C VAL A 119 -0.44 -1.57 14.15
N VAL A 120 -1.11 -1.84 13.04
CA VAL A 120 -0.69 -1.34 11.73
C VAL A 120 -1.19 0.10 11.69
N PRO A 121 -0.27 1.08 11.70
CA PRO A 121 -0.68 2.47 11.81
C PRO A 121 -1.19 3.06 10.49
N TYR A 122 -2.14 2.39 9.85
CA TYR A 122 -2.81 2.93 8.67
C TYR A 122 -3.94 3.84 9.11
N LYS A 123 -3.86 5.12 8.74
CA LYS A 123 -4.86 6.12 9.12
C LYS A 123 -5.93 6.31 8.05
N SER A 124 -7.13 5.77 8.28
CA SER A 124 -8.25 5.94 7.36
C SER A 124 -9.30 6.88 7.98
N ARG A 125 -10.55 6.76 7.56
CA ARG A 125 -11.63 7.59 8.08
C ARG A 125 -12.57 6.84 9.03
N LEU A 126 -12.03 5.86 9.74
CA LEU A 126 -12.77 5.12 10.76
C LEU A 126 -12.26 5.51 12.14
N PHE A 127 -13.12 6.11 12.96
CA PHE A 127 -12.74 6.69 14.25
C PHE A 127 -13.43 6.00 15.42
N THR A 128 -12.85 6.17 16.61
CA THR A 128 -13.36 5.57 17.85
C THR A 128 -13.32 6.61 18.97
N PHE A 129 -14.43 7.31 19.15
CA PHE A 129 -14.49 8.40 20.14
C PHE A 129 -14.71 7.92 21.57
N THR A 130 -13.95 8.49 22.51
CA THR A 130 -14.10 8.20 23.92
C THR A 130 -13.88 9.48 24.75
N LEU A 131 -14.52 9.55 25.92
CA LEU A 131 -14.49 10.73 26.77
C LEU A 131 -13.11 10.96 27.41
N LYS A 132 -12.59 12.19 27.31
CA LYS A 132 -11.32 12.55 27.95
C LYS A 132 -11.40 12.36 29.47
N ASN A 133 -12.46 12.90 30.05
CA ASN A 133 -12.71 12.81 31.49
C ASN A 133 -14.05 12.13 31.75
N PRO A 134 -14.07 10.77 31.67
CA PRO A 134 -15.30 9.98 31.84
C PRO A 134 -16.19 10.48 32.99
N GLY A 135 -15.56 10.86 34.08
CA GLY A 135 -16.24 11.52 35.19
C GLY A 135 -16.37 13.03 35.01
N SER A 136 -16.87 13.46 33.85
CA SER A 136 -17.26 14.85 33.63
C SER A 136 -18.36 14.93 32.57
N GLN A 137 -19.35 14.04 32.70
CA GLN A 137 -20.46 13.96 31.76
C GLN A 137 -21.52 14.97 32.21
N ALA A 138 -21.57 16.11 31.52
CA ALA A 138 -22.30 17.30 31.99
C ALA A 138 -23.63 17.62 31.27
N ALA A 139 -24.25 16.63 30.63
CA ALA A 139 -25.53 16.87 29.93
C ALA A 139 -26.46 15.64 29.97
N GLU A 140 -27.76 15.88 29.76
CA GLU A 140 -28.75 14.80 29.81
C GLU A 140 -28.57 13.85 28.64
N GLU A 141 -28.42 12.57 28.94
CA GLU A 141 -28.23 11.55 27.91
C GLU A 141 -29.57 11.01 27.39
N ARG A 142 -29.90 11.37 26.15
CA ARG A 142 -31.08 10.85 25.44
C ARG A 142 -30.73 9.62 24.61
N PRO A 143 -31.74 8.77 24.35
CA PRO A 143 -31.58 7.71 23.35
C PRO A 143 -31.52 8.28 21.94
N VAL A 144 -30.90 7.54 21.03
CA VAL A 144 -30.68 8.02 19.66
C VAL A 144 -31.51 7.19 18.67
N LYS A 145 -31.89 7.82 17.55
CA LYS A 145 -32.65 7.14 16.51
C LYS A 145 -31.73 6.25 15.66
N ILE A 146 -32.03 4.96 15.63
CA ILE A 146 -31.26 3.97 14.87
C ILE A 146 -31.88 3.75 13.49
N SER A 147 -31.16 4.14 12.45
CA SER A 147 -31.58 3.88 11.07
C SER A 147 -31.34 2.40 10.73
N PRO A 148 -32.38 1.68 10.29
CA PRO A 148 -32.26 0.24 10.02
C PRO A 148 -31.50 -0.03 8.73
N GLN A 149 -30.67 -1.08 8.74
CA GLN A 149 -29.84 -1.43 7.57
C GLN A 149 -30.20 -2.77 6.92
N SER A 150 -31.19 -3.47 7.48
CA SER A 150 -31.65 -4.74 6.92
C SER A 150 -33.18 -4.82 6.89
N HIS A 151 -33.72 -5.49 5.87
CA HIS A 151 -35.17 -5.64 5.75
C HIS A 151 -35.69 -6.71 6.71
N ILE A 152 -36.95 -6.57 7.11
CA ILE A 152 -37.61 -7.58 7.93
C ILE A 152 -37.75 -8.88 7.16
N PRO A 153 -37.66 -10.03 7.85
CA PRO A 153 -37.69 -11.33 7.16
C PRO A 153 -39.02 -11.63 6.48
N VAL A 154 -39.06 -12.71 5.70
CA VAL A 154 -40.25 -13.04 4.92
C VAL A 154 -41.43 -13.38 5.82
N ASN A 155 -41.19 -14.17 6.87
CA ASN A 155 -42.25 -14.55 7.80
C ASN A 155 -42.98 -13.34 8.39
N GLU A 156 -42.24 -12.31 8.79
CA GLU A 156 -42.83 -11.08 9.32
C GLU A 156 -43.55 -10.25 8.25
N LEU A 157 -43.12 -10.40 7.00
CA LEU A 157 -43.70 -9.63 5.89
C LEU A 157 -45.09 -10.11 5.48
N ILE A 158 -45.35 -11.42 5.62
CA ILE A 158 -46.60 -12.02 5.16
C ILE A 158 -47.85 -11.39 5.81
N PRO A 159 -47.87 -11.27 7.15
CA PRO A 159 -49.00 -10.59 7.78
C PRO A 159 -49.28 -9.20 7.21
N LYS A 160 -48.24 -8.38 7.08
CA LYS A 160 -48.40 -7.02 6.54
C LYS A 160 -48.97 -7.04 5.13
N LEU A 161 -48.54 -8.01 4.31
CA LEU A 161 -49.08 -8.18 2.97
C LEU A 161 -50.55 -8.62 3.01
N CYS A 162 -50.87 -9.54 3.91
CA CYS A 162 -52.22 -10.07 4.02
C CYS A 162 -53.24 -9.03 4.50
N HIS A 163 -52.78 -8.06 5.28
CA HIS A 163 -53.67 -6.98 5.77
C HIS A 163 -53.80 -5.79 4.81
N ALA A 164 -53.17 -5.88 3.63
CA ALA A 164 -53.30 -4.83 2.61
C ALA A 164 -54.64 -4.92 1.88
N ASP A 165 -54.99 -3.88 1.14
CA ASP A 165 -56.28 -3.82 0.45
C ASP A 165 -56.27 -4.65 -0.84
N SER A 166 -55.30 -4.36 -1.70
CA SER A 166 -55.22 -4.97 -3.02
C SER A 166 -53.82 -5.55 -3.22
N ILE A 167 -53.61 -6.15 -4.40
CA ILE A 167 -52.32 -6.74 -4.72
C ILE A 167 -51.32 -5.62 -5.02
N SER A 168 -51.75 -4.58 -5.73
CA SER A 168 -50.91 -3.39 -5.95
C SER A 168 -50.21 -2.97 -4.66
N SER A 169 -51.00 -2.78 -3.62
CA SER A 169 -50.50 -2.28 -2.34
C SER A 169 -49.56 -3.26 -1.66
N GLN A 170 -49.82 -4.56 -1.84
CA GLN A 170 -48.92 -5.60 -1.34
C GLN A 170 -47.51 -5.43 -1.91
N MET A 171 -47.45 -5.23 -3.22
CA MET A 171 -46.17 -5.09 -3.91
C MET A 171 -45.48 -3.77 -3.57
N TYR A 172 -46.25 -2.77 -3.14
CA TYR A 172 -45.69 -1.49 -2.69
C TYR A 172 -45.25 -1.55 -1.22
N ILE A 173 -45.91 -2.37 -0.42
CA ILE A 173 -45.45 -2.62 0.95
C ILE A 173 -44.08 -3.30 0.90
N LEU A 174 -44.04 -4.44 0.21
CA LEU A 174 -42.80 -5.19 -0.01
C LEU A 174 -41.70 -4.26 -0.51
N LEU A 175 -41.99 -3.50 -1.56
CA LEU A 175 -41.01 -2.57 -2.13
C LEU A 175 -40.47 -1.62 -1.06
N ASN A 176 -41.37 -1.02 -0.30
CA ASN A 176 -40.98 -0.04 0.70
C ASN A 176 -40.21 -0.66 1.86
N GLU A 177 -40.58 -1.88 2.24
CA GLU A 177 -39.87 -2.60 3.29
C GLU A 177 -38.46 -3.03 2.88
N TYR A 178 -38.25 -3.22 1.59
CA TYR A 178 -37.03 -3.86 1.06
C TYR A 178 -36.02 -2.89 0.45
N GLN A 179 -36.49 -1.86 -0.25
CA GLN A 179 -35.59 -0.96 -1.00
C GLN A 179 -34.54 -0.27 -0.12
N LEU A 180 -33.45 0.15 -0.74
CA LEU A 180 -32.37 0.81 -0.02
C LEU A 180 -32.83 2.17 0.50
N THR A 181 -32.45 2.50 1.72
CA THR A 181 -32.73 3.81 2.29
C THR A 181 -31.67 4.79 1.83
N GLU A 182 -31.91 6.07 2.06
CA GLU A 182 -30.91 7.10 1.79
C GLU A 182 -29.67 6.88 2.66
N GLU A 183 -29.89 6.49 3.91
CA GLU A 183 -28.81 6.25 4.84
C GLU A 183 -27.95 5.06 4.39
N ASN A 184 -28.62 4.02 3.89
CA ASN A 184 -27.96 2.81 3.44
C ASN A 184 -27.13 3.06 2.18
N ILE A 185 -27.69 3.84 1.27
CA ILE A 185 -26.99 4.23 0.06
C ILE A 185 -25.71 4.99 0.38
N LYS A 186 -25.79 5.99 1.25
CA LYS A 186 -24.61 6.75 1.66
C LYS A 186 -23.54 5.84 2.28
N LEU A 187 -23.99 4.81 2.98
CA LEU A 187 -23.11 3.87 3.64
C LEU A 187 -22.39 2.98 2.61
N ARG A 188 -23.09 2.69 1.51
CA ARG A 188 -22.53 1.90 0.42
C ARG A 188 -21.47 2.70 -0.32
N TYR A 189 -21.79 3.93 -0.67
CA TYR A 189 -20.83 4.81 -1.32
C TYR A 189 -19.59 5.05 -0.44
N LEU A 190 -19.79 5.16 0.87
CA LEU A 190 -18.66 5.35 1.79
C LEU A 190 -17.75 4.15 1.77
N ALA A 191 -18.34 2.95 1.78
CA ALA A 191 -17.54 1.73 1.73
C ALA A 191 -16.68 1.72 0.46
N CYS A 192 -17.25 2.16 -0.66
CA CYS A 192 -16.50 2.30 -1.90
C CYS A 192 -15.34 3.28 -1.70
N SER A 193 -15.64 4.42 -1.11
CA SER A 193 -14.67 5.49 -0.90
C SER A 193 -13.46 5.06 -0.05
N LEU A 194 -13.68 4.16 0.92
CA LEU A 194 -12.60 3.68 1.78
C LEU A 194 -11.70 2.71 1.01
N VAL A 195 -12.30 1.91 0.13
CA VAL A 195 -11.54 0.99 -0.74
C VAL A 195 -10.73 1.78 -1.79
N ARG A 196 -11.33 2.85 -2.31
CA ARG A 196 -10.65 3.73 -3.24
C ARG A 196 -9.35 4.25 -2.63
N ASP A 197 -9.42 4.78 -1.42
CA ASP A 197 -8.21 5.31 -0.75
C ASP A 197 -7.00 4.36 -0.78
N PHE A 198 -7.24 3.06 -0.61
CA PHE A 198 -6.19 2.05 -0.80
C PHE A 198 -5.59 2.01 -2.21
N ALA A 199 -6.44 2.05 -3.22
CA ALA A 199 -6.00 1.97 -4.61
C ALA A 199 -5.17 3.18 -5.03
N ARG A 200 -5.67 4.36 -4.67
CA ARG A 200 -5.00 5.62 -5.03
C ARG A 200 -3.56 5.76 -4.57
N ALA A 201 -3.18 4.99 -3.55
CA ALA A 201 -1.82 5.04 -3.04
C ALA A 201 -0.83 5.15 -4.20
N TYR A 202 -1.06 4.33 -5.23
CA TYR A 202 -0.20 4.28 -6.41
C TYR A 202 -0.88 4.55 -7.76
N PHE A 203 -2.22 4.66 -7.76
CA PHE A 203 -2.95 5.14 -8.93
C PHE A 203 -3.80 6.33 -8.49
N PRO A 204 -3.19 7.54 -8.44
CA PRO A 204 -3.88 8.70 -7.87
C PRO A 204 -5.23 9.04 -8.49
N ASP A 205 -5.41 8.71 -9.77
CA ASP A 205 -6.62 9.07 -10.50
C ASP A 205 -7.68 7.99 -10.47
N SER A 206 -7.51 7.00 -9.59
CA SER A 206 -8.46 5.91 -9.53
C SER A 206 -9.73 6.25 -8.80
N THR A 207 -10.70 5.40 -9.07
CA THR A 207 -11.99 5.51 -8.46
C THR A 207 -12.52 4.12 -8.21
N VAL A 208 -13.28 3.97 -7.14
CA VAL A 208 -14.00 2.74 -6.87
C VAL A 208 -15.46 3.12 -6.90
N LYS A 209 -16.17 2.61 -7.91
CA LYS A 209 -17.55 2.97 -8.14
C LYS A 209 -18.44 1.76 -7.91
N PRO A 210 -19.55 1.95 -7.19
CA PRO A 210 -20.50 0.87 -7.07
C PRO A 210 -21.26 0.69 -8.38
N PHE A 211 -21.60 -0.54 -8.70
CA PHE A 211 -22.47 -0.82 -9.83
C PHE A 211 -23.43 -1.91 -9.41
N GLY A 212 -24.25 -2.38 -10.34
CA GLY A 212 -25.20 -3.44 -10.04
C GLY A 212 -26.33 -2.94 -9.16
N SER A 213 -26.87 -3.85 -8.35
CA SER A 213 -28.09 -3.57 -7.58
C SER A 213 -27.96 -2.40 -6.59
N SER A 214 -26.74 -2.11 -6.14
CA SER A 214 -26.51 -0.97 -5.24
C SER A 214 -26.96 0.37 -5.84
N VAL A 215 -26.90 0.50 -7.16
CA VAL A 215 -27.16 1.80 -7.81
C VAL A 215 -28.12 1.77 -9.00
N ASN A 216 -28.68 0.61 -9.32
CA ASN A 216 -29.63 0.50 -10.44
C ASN A 216 -31.10 0.58 -10.00
N THR A 217 -31.33 1.07 -8.78
CA THR A 217 -32.68 1.25 -8.20
C THR A 217 -33.37 -0.03 -7.77
N PHE A 218 -32.80 -1.19 -8.10
CA PHE A 218 -33.40 -2.49 -7.76
C PHE A 218 -32.73 -3.16 -6.56
N GLY A 219 -31.87 -2.42 -5.86
CA GLY A 219 -31.20 -2.95 -4.68
C GLY A 219 -32.12 -3.09 -3.48
N LYS A 220 -32.05 -4.24 -2.82
CA LYS A 220 -32.74 -4.45 -1.56
C LYS A 220 -31.75 -4.43 -0.41
N LEU A 221 -32.24 -4.07 0.78
CA LEU A 221 -31.40 -4.04 1.98
C LEU A 221 -30.74 -5.40 2.18
N GLY A 222 -29.47 -5.40 2.58
CA GLY A 222 -28.74 -6.64 2.85
C GLY A 222 -28.03 -7.20 1.64
N CYS A 223 -28.21 -6.59 0.46
CA CYS A 223 -27.56 -7.08 -0.75
C CYS A 223 -26.08 -6.68 -0.74
N ASP A 224 -25.28 -7.44 -1.51
CA ASP A 224 -23.86 -7.17 -1.69
C ASP A 224 -23.60 -5.79 -2.28
N VAL A 225 -22.41 -5.27 -2.01
CA VAL A 225 -21.93 -4.04 -2.65
C VAL A 225 -20.92 -4.43 -3.71
N ASP A 226 -21.32 -4.30 -4.98
CA ASP A 226 -20.43 -4.61 -6.11
C ASP A 226 -19.63 -3.36 -6.46
N MET A 227 -18.32 -3.52 -6.60
CA MET A 227 -17.40 -2.40 -6.77
C MET A 227 -16.53 -2.59 -8.01
N PHE A 228 -16.43 -1.55 -8.83
CA PHE A 228 -15.48 -1.53 -9.95
C PHE A 228 -14.33 -0.57 -9.67
N LEU A 229 -13.11 -1.10 -9.74
CA LEU A 229 -11.91 -0.27 -9.69
C LEU A 229 -11.63 0.26 -11.11
N ASP A 230 -11.63 1.58 -11.26
CA ASP A 230 -11.33 2.23 -12.53
C ASP A 230 -10.05 3.03 -12.31
N PHE A 231 -8.99 2.68 -13.05
CA PHE A 231 -7.62 3.09 -12.68
C PHE A 231 -6.96 4.08 -13.65
N HIS A 232 -7.55 4.27 -14.83
CA HIS A 232 -7.09 5.30 -15.78
C HIS A 232 -8.28 5.97 -16.45
N LYS A 243 8.57 23.95 -20.67
CA LYS A 243 8.54 24.34 -22.09
C LYS A 243 9.91 24.81 -22.61
N GLY A 244 10.94 24.11 -22.18
CA GLY A 244 12.31 24.32 -22.66
C GLY A 244 12.63 23.35 -23.79
N PRO A 245 13.93 23.03 -23.99
CA PRO A 245 14.39 22.18 -25.09
C PRO A 245 14.35 20.68 -24.80
N PHE A 246 13.94 20.29 -23.61
CA PHE A 246 13.91 18.88 -23.22
C PHE A 246 12.48 18.35 -23.13
N GLU A 247 12.28 17.11 -23.58
CA GLU A 247 11.04 16.37 -23.31
C GLU A 247 11.21 15.61 -22.00
N MET A 248 10.59 16.14 -20.95
CA MET A 248 10.78 15.62 -19.60
C MET A 248 9.66 14.67 -19.23
N GLU A 249 10.01 13.50 -18.70
CA GLU A 249 9.04 12.46 -18.36
C GLU A 249 9.34 11.83 -16.99
N TYR A 250 8.30 11.38 -16.31
CA TYR A 250 8.46 10.58 -15.10
C TYR A 250 8.96 9.20 -15.46
N GLN A 251 9.74 8.60 -14.57
CA GLN A 251 10.06 7.19 -14.66
C GLN A 251 8.96 6.48 -13.87
N MET A 252 8.29 5.55 -14.53
CA MET A 252 7.16 4.85 -13.92
C MET A 252 7.23 3.40 -14.35
N LYS A 253 6.96 2.49 -13.42
CA LYS A 253 6.97 1.08 -13.74
C LYS A 253 5.83 0.77 -14.69
N ARG A 254 6.15 0.04 -15.75
CA ARG A 254 5.16 -0.44 -16.70
C ARG A 254 4.32 -1.54 -16.07
N LEU A 255 3.11 -1.71 -16.61
CA LEU A 255 2.23 -2.81 -16.22
C LEU A 255 2.15 -3.87 -17.31
N PRO A 256 1.96 -5.15 -16.93
CA PRO A 256 1.75 -6.26 -17.87
C PRO A 256 0.42 -6.13 -18.62
N SER A 257 0.01 -7.19 -19.32
CA SER A 257 -1.27 -7.17 -20.07
C SER A 257 -2.45 -6.86 -19.15
N GLU A 258 -3.55 -6.42 -19.74
CA GLU A 258 -4.73 -6.04 -18.96
C GLU A 258 -5.07 -7.04 -17.83
N ARG A 259 -5.28 -8.31 -18.19
CA ARG A 259 -5.73 -9.32 -17.22
C ARG A 259 -4.71 -9.50 -16.09
N LEU A 260 -3.45 -9.68 -16.46
CA LEU A 260 -2.38 -9.95 -15.49
C LEU A 260 -2.16 -8.77 -14.55
N ALA A 261 -2.38 -7.55 -15.06
CA ALA A 261 -2.27 -6.33 -14.26
C ALA A 261 -3.42 -6.24 -13.24
N THR A 262 -4.63 -6.51 -13.73
CA THR A 262 -5.83 -6.61 -12.91
C THR A 262 -5.65 -7.57 -11.74
N GLN A 263 -5.07 -8.73 -12.00
CA GLN A 263 -4.87 -9.75 -10.96
C GLN A 263 -3.90 -9.29 -9.87
N LYS A 264 -2.80 -8.67 -10.28
CA LYS A 264 -1.78 -8.21 -9.33
C LYS A 264 -2.29 -7.05 -8.48
N ILE A 265 -2.93 -6.09 -9.14
CA ILE A 265 -3.55 -4.95 -8.45
C ILE A 265 -4.58 -5.42 -7.42
N LEU A 266 -5.48 -6.32 -7.83
CA LEU A 266 -6.52 -6.81 -6.93
C LEU A 266 -5.96 -7.66 -5.78
N SER A 267 -4.91 -8.43 -6.07
CA SER A 267 -4.24 -9.24 -5.06
C SER A 267 -3.63 -8.37 -3.97
N ILE A 268 -3.02 -7.26 -4.36
CA ILE A 268 -2.35 -6.37 -3.41
C ILE A 268 -3.36 -5.58 -2.58
N ILE A 269 -4.41 -5.09 -3.22
CA ILE A 269 -5.48 -4.41 -2.48
C ILE A 269 -6.12 -5.39 -1.49
N GLY A 270 -6.30 -6.64 -1.92
CA GLY A 270 -6.82 -7.67 -1.03
C GLY A 270 -5.94 -7.80 0.19
N ASP A 271 -4.64 -8.00 -0.04
CA ASP A 271 -3.67 -8.08 1.04
C ASP A 271 -3.77 -6.88 1.98
N CYS A 272 -3.91 -5.66 1.42
CA CYS A 272 -4.02 -4.44 2.23
C CYS A 272 -5.31 -4.45 3.04
N LEU A 273 -6.43 -4.74 2.39
CA LEU A 273 -7.71 -4.81 3.09
C LEU A 273 -7.62 -5.79 4.27
N ASP A 274 -7.00 -6.93 4.01
CA ASP A 274 -6.81 -7.94 5.04
C ASP A 274 -5.93 -7.44 6.19
N ASN A 275 -4.81 -6.82 5.86
CA ASN A 275 -3.75 -6.50 6.84
C ASN A 275 -3.66 -5.05 7.29
N PHE A 276 -4.06 -4.11 6.43
CA PHE A 276 -3.98 -2.69 6.79
C PHE A 276 -5.32 -2.23 7.32
N GLY A 277 -6.41 -2.83 6.81
CA GLY A 277 -7.71 -2.81 7.48
C GLY A 277 -8.17 -1.37 7.57
N PRO A 278 -8.94 -1.02 8.61
CA PRO A 278 -9.59 -1.86 9.63
C PRO A 278 -10.97 -2.28 9.20
N GLY A 279 -11.45 -3.39 9.77
CA GLY A 279 -12.84 -3.80 9.60
C GLY A 279 -13.10 -4.74 8.44
N TYR A 280 -12.09 -5.01 7.63
CA TYR A 280 -12.23 -5.93 6.53
C TYR A 280 -11.89 -7.31 7.02
N SER A 281 -12.71 -8.28 6.64
CA SER A 281 -12.48 -9.67 7.02
C SER A 281 -13.06 -10.60 5.96
N SER A 282 -12.78 -11.89 6.12
CA SER A 282 -13.17 -12.88 5.13
C SER A 282 -12.74 -12.46 3.73
N VAL A 283 -11.53 -11.90 3.61
CA VAL A 283 -11.01 -11.45 2.32
C VAL A 283 -10.66 -12.68 1.50
N GLN A 284 -11.41 -12.88 0.42
CA GLN A 284 -11.30 -14.07 -0.39
C GLN A 284 -10.91 -13.66 -1.80
N LYS A 285 -9.69 -13.99 -2.21
CA LYS A 285 -9.16 -13.63 -3.53
C LYS A 285 -9.54 -14.68 -4.56
N ILE A 286 -10.28 -14.26 -5.58
CA ILE A 286 -10.71 -15.13 -6.66
C ILE A 286 -10.22 -14.51 -7.98
N LEU A 287 -8.90 -14.52 -8.15
CA LEU A 287 -8.23 -13.86 -9.26
C LEU A 287 -8.23 -14.71 -10.53
N ASN A 288 -8.54 -16.00 -10.41
CA ASN A 288 -8.52 -16.92 -11.55
C ASN A 288 -9.86 -17.06 -12.27
N ALA A 289 -10.89 -16.36 -11.79
CA ALA A 289 -12.21 -16.39 -12.43
C ALA A 289 -12.15 -15.64 -13.76
N ARG A 290 -13.21 -15.77 -14.56
CA ARG A 290 -13.26 -15.06 -15.85
C ARG A 290 -13.06 -13.57 -15.62
N CYS A 291 -13.81 -13.03 -14.66
CA CYS A 291 -13.58 -11.68 -14.13
C CYS A 291 -12.89 -11.80 -12.77
N PRO A 292 -11.60 -11.42 -12.70
CA PRO A 292 -10.90 -11.43 -11.41
C PRO A 292 -11.69 -10.70 -10.33
N LEU A 293 -11.63 -11.21 -9.11
CA LEU A 293 -12.53 -10.75 -8.05
C LEU A 293 -11.95 -10.93 -6.64
N VAL A 294 -12.16 -9.93 -5.80
CA VAL A 294 -11.91 -10.08 -4.37
C VAL A 294 -13.22 -9.90 -3.63
N LYS A 295 -13.56 -10.89 -2.81
CA LYS A 295 -14.73 -10.81 -1.93
C LYS A 295 -14.27 -10.48 -0.53
N PHE A 296 -15.06 -9.67 0.19
CA PHE A 296 -14.75 -9.35 1.57
C PHE A 296 -15.96 -8.84 2.32
N SER A 297 -15.95 -9.05 3.63
CA SER A 297 -16.94 -8.48 4.53
C SER A 297 -16.38 -7.20 5.13
N HIS A 298 -17.21 -6.18 5.27
CA HIS A 298 -16.81 -4.91 5.88
C HIS A 298 -17.59 -4.71 7.18
N GLN A 299 -16.91 -4.93 8.30
CA GLN A 299 -17.54 -5.04 9.62
C GLN A 299 -18.19 -3.74 10.13
N PRO A 300 -17.55 -2.57 9.90
CA PRO A 300 -18.16 -1.31 10.35
C PRO A 300 -19.52 -1.05 9.72
N THR A 301 -19.64 -1.32 8.41
CA THR A 301 -20.90 -1.13 7.71
C THR A 301 -21.77 -2.39 7.74
N GLY A 302 -21.14 -3.55 7.84
CA GLY A 302 -21.85 -4.83 7.82
C GLY A 302 -22.15 -5.36 6.41
N PHE A 303 -21.61 -4.71 5.39
CA PHE A 303 -21.83 -5.15 4.02
C PHE A 303 -20.95 -6.34 3.64
N GLN A 304 -21.44 -7.16 2.72
CA GLN A 304 -20.60 -8.10 1.99
C GLN A 304 -20.26 -7.39 0.69
N CYS A 305 -19.01 -7.51 0.25
CA CYS A 305 -18.50 -6.70 -0.86
C CYS A 305 -17.80 -7.54 -1.92
N ASP A 306 -17.94 -7.11 -3.18
CA ASP A 306 -17.27 -7.75 -4.32
C ASP A 306 -16.53 -6.67 -5.12
N LEU A 307 -15.22 -6.86 -5.29
CA LEU A 307 -14.39 -5.87 -5.99
C LEU A 307 -13.73 -6.45 -7.24
N SER A 308 -13.95 -5.78 -8.37
CA SER A 308 -13.31 -6.15 -9.63
C SER A 308 -12.82 -4.90 -10.37
N VAL A 309 -12.01 -5.10 -11.41
CA VAL A 309 -11.55 -3.99 -12.25
C VAL A 309 -12.64 -3.64 -13.27
N SER A 310 -12.74 -2.36 -13.59
CA SER A 310 -13.88 -1.79 -14.31
C SER A 310 -14.21 -2.50 -15.62
N ASN A 311 -15.46 -2.92 -15.72
CA ASN A 311 -16.04 -3.41 -16.96
C ASN A 311 -17.14 -2.40 -17.35
N SER A 312 -16.87 -1.62 -18.40
CA SER A 312 -17.78 -0.52 -18.80
C SER A 312 -19.10 -1.02 -19.39
N ILE A 313 -19.11 -2.26 -19.87
CA ILE A 313 -20.36 -2.87 -20.33
C ILE A 313 -21.31 -3.05 -19.14
N ALA A 314 -20.80 -3.61 -18.05
CA ALA A 314 -21.59 -3.86 -16.85
C ALA A 314 -22.17 -2.58 -16.24
N ILE A 315 -21.48 -1.46 -16.40
CA ILE A 315 -21.95 -0.16 -15.91
C ILE A 315 -23.09 0.38 -16.79
N ARG A 316 -23.00 0.15 -18.10
CA ARG A 316 -24.09 0.55 -19.00
C ARG A 316 -25.37 -0.21 -18.66
N CYS A 317 -25.24 -1.49 -18.33
CA CYS A 317 -26.38 -2.30 -17.85
C CYS A 317 -27.01 -1.68 -16.61
N SER A 318 -26.17 -1.24 -15.68
CA SER A 318 -26.65 -0.65 -14.44
C SER A 318 -27.38 0.66 -14.74
N GLU A 319 -26.86 1.44 -15.67
CA GLU A 319 -27.51 2.68 -16.08
C GLU A 319 -28.79 2.41 -16.86
N LEU A 320 -28.77 1.37 -17.69
CA LEU A 320 -29.96 0.98 -18.43
C LEU A 320 -31.08 0.64 -17.44
N LEU A 321 -30.74 -0.21 -16.47
CA LEU A 321 -31.70 -0.62 -15.44
C LEU A 321 -32.14 0.55 -14.55
N TYR A 322 -31.24 1.51 -14.36
CA TYR A 322 -31.55 2.73 -13.61
C TYR A 322 -32.65 3.52 -14.30
N ILE A 323 -32.52 3.69 -15.61
CA ILE A 323 -33.52 4.40 -16.41
C ILE A 323 -34.87 3.69 -16.31
N TYR A 324 -34.88 2.39 -16.59
CA TYR A 324 -36.11 1.59 -16.49
C TYR A 324 -36.75 1.69 -15.10
N GLY A 325 -35.94 1.60 -14.06
CA GLY A 325 -36.44 1.76 -12.69
C GLY A 325 -36.99 3.13 -12.38
N CYS A 326 -36.39 4.16 -12.98
CA CYS A 326 -36.80 5.56 -12.76
C CYS A 326 -37.99 5.99 -13.63
N LEU A 327 -38.22 5.31 -14.74
CA LEU A 327 -39.31 5.67 -15.66
C LEU A 327 -40.70 5.43 -15.08
N ASP A 328 -40.83 4.46 -14.18
CA ASP A 328 -42.15 4.09 -13.65
C ASP A 328 -42.02 3.28 -12.37
N PRO A 329 -42.82 3.61 -11.34
CA PRO A 329 -42.73 2.87 -10.07
C PRO A 329 -43.13 1.39 -10.18
N ARG A 330 -44.04 1.06 -11.11
CA ARG A 330 -44.48 -0.32 -11.32
C ARG A 330 -43.32 -1.24 -11.68
N VAL A 331 -42.34 -0.69 -12.41
CA VAL A 331 -41.16 -1.45 -12.82
C VAL A 331 -40.43 -1.98 -11.59
N ARG A 332 -40.12 -1.07 -10.67
CA ARG A 332 -39.45 -1.45 -9.43
C ARG A 332 -40.34 -2.32 -8.56
N ALA A 333 -41.64 -2.04 -8.57
CA ALA A 333 -42.58 -2.84 -7.79
C ALA A 333 -42.57 -4.31 -8.23
N LEU A 334 -42.56 -4.53 -9.54
CA LEU A 334 -42.61 -5.90 -10.08
C LEU A 334 -41.32 -6.66 -9.82
N VAL A 335 -40.20 -5.99 -9.99
CA VAL A 335 -38.89 -6.61 -9.80
C VAL A 335 -38.76 -7.15 -8.37
N PHE A 336 -38.99 -6.28 -7.39
CA PHE A 336 -38.80 -6.66 -5.99
C PHE A 336 -39.66 -7.85 -5.59
N SER A 337 -40.89 -7.88 -6.09
CA SER A 337 -41.81 -8.96 -5.75
C SER A 337 -41.42 -10.26 -6.45
N LEU A 338 -41.01 -10.17 -7.70
CA LEU A 338 -40.61 -11.34 -8.47
C LEU A 338 -39.23 -11.89 -8.07
N ARG A 339 -38.31 -11.02 -7.65
CA ARG A 339 -37.06 -11.46 -7.02
C ARG A 339 -37.36 -12.28 -5.76
N CYS A 340 -38.21 -11.74 -4.90
CA CYS A 340 -38.61 -12.40 -3.67
C CYS A 340 -39.30 -13.73 -3.94
N TRP A 341 -40.16 -13.75 -4.96
CA TRP A 341 -40.84 -14.97 -5.40
C TRP A 341 -39.84 -16.05 -5.79
N ALA A 342 -38.85 -15.68 -6.60
CA ALA A 342 -37.84 -16.63 -7.06
C ALA A 342 -37.02 -17.20 -5.92
N ARG A 343 -36.62 -16.34 -4.98
CA ARG A 343 -35.85 -16.78 -3.81
C ARG A 343 -36.65 -17.78 -2.99
N VAL A 344 -37.93 -17.46 -2.76
CA VAL A 344 -38.78 -18.29 -1.91
C VAL A 344 -39.01 -19.69 -2.49
N HIS A 345 -39.04 -19.79 -3.82
CA HIS A 345 -39.30 -21.07 -4.48
C HIS A 345 -38.02 -21.79 -4.93
N GLY A 346 -36.87 -21.30 -4.48
CA GLY A 346 -35.58 -21.93 -4.76
C GLY A 346 -35.19 -21.92 -6.23
N LEU A 347 -35.66 -20.91 -6.96
CA LEU A 347 -35.29 -20.75 -8.36
C LEU A 347 -33.96 -20.02 -8.46
N THR A 348 -33.75 -19.07 -7.56
CA THR A 348 -32.48 -18.36 -7.46
C THR A 348 -31.67 -18.90 -6.29
N ASN A 349 -30.37 -18.61 -6.30
CA ASN A 349 -29.46 -19.04 -5.24
C ASN A 349 -28.29 -18.08 -5.08
N SER A 350 -27.80 -17.96 -3.85
CA SER A 350 -26.68 -17.05 -3.55
C SER A 350 -25.38 -17.50 -4.23
N VAL A 351 -25.25 -18.80 -4.48
CA VAL A 351 -24.07 -19.35 -5.17
C VAL A 351 -24.34 -19.50 -6.68
N PRO A 352 -23.42 -19.01 -7.54
CA PRO A 352 -23.53 -19.24 -8.98
C PRO A 352 -23.70 -20.71 -9.36
N GLY A 353 -24.39 -20.95 -10.48
CA GLY A 353 -24.64 -22.31 -10.93
C GLY A 353 -25.62 -22.38 -12.09
N THR A 354 -26.46 -23.42 -12.09
CA THR A 354 -27.46 -23.61 -13.14
C THR A 354 -28.77 -22.84 -12.88
N TRP A 355 -28.85 -22.19 -11.72
CA TRP A 355 -30.02 -21.37 -11.38
C TRP A 355 -30.07 -20.12 -12.23
N ILE A 356 -31.28 -19.60 -12.42
CA ILE A 356 -31.45 -18.27 -12.99
C ILE A 356 -30.91 -17.24 -12.00
N THR A 357 -30.21 -16.22 -12.49
CA THR A 357 -29.72 -15.15 -11.64
C THR A 357 -30.73 -14.01 -11.61
N ASN A 358 -30.69 -13.24 -10.52
CA ASN A 358 -31.53 -12.05 -10.39
C ASN A 358 -31.37 -11.11 -11.57
N PHE A 359 -30.14 -10.99 -12.07
CA PHE A 359 -29.85 -10.18 -13.25
C PHE A 359 -30.62 -10.69 -14.46
N SER A 360 -30.55 -11.99 -14.71
CA SER A 360 -31.32 -12.61 -15.80
C SER A 360 -32.83 -12.42 -15.60
N LEU A 361 -33.31 -12.71 -14.40
CA LEU A 361 -34.74 -12.56 -14.07
C LEU A 361 -35.17 -11.13 -14.29
N THR A 362 -34.35 -10.21 -13.79
CA THR A 362 -34.61 -8.79 -13.96
C THR A 362 -34.71 -8.44 -15.43
N MET A 363 -33.85 -9.02 -16.26
CA MET A 363 -33.88 -8.77 -17.71
C MET A 363 -35.15 -9.35 -18.35
N MET A 364 -35.59 -10.51 -17.87
CA MET A 364 -36.84 -11.11 -18.33
C MET A 364 -38.04 -10.22 -17.99
N ILE A 365 -37.99 -9.58 -16.83
CA ILE A 365 -39.05 -8.66 -16.42
C ILE A 365 -39.08 -7.40 -17.29
N MET A 366 -37.91 -6.91 -17.69
CA MET A 366 -37.85 -5.74 -18.58
C MET A 366 -38.43 -6.09 -19.95
N PHE A 367 -38.10 -7.28 -20.44
CA PHE A 367 -38.62 -7.78 -21.71
C PHE A 367 -40.16 -7.88 -21.68
N PHE A 368 -40.69 -8.39 -20.57
CA PHE A 368 -42.14 -8.45 -20.36
C PHE A 368 -42.75 -7.07 -20.47
N LEU A 369 -42.15 -6.11 -19.79
CA LEU A 369 -42.64 -4.74 -19.76
C LEU A 369 -42.47 -4.02 -21.09
N GLN A 370 -41.50 -4.44 -21.89
CA GLN A 370 -41.34 -3.95 -23.26
C GLN A 370 -42.50 -4.39 -24.18
N LYS A 371 -43.08 -5.56 -23.90
CA LYS A 371 -44.06 -6.17 -24.80
C LYS A 371 -45.53 -5.93 -24.40
N ARG A 372 -45.77 -4.93 -23.56
CA ARG A 372 -47.14 -4.56 -23.19
C ARG A 372 -47.80 -3.71 -24.28
N SER A 373 -49.11 -3.56 -24.18
CA SER A 373 -49.90 -2.77 -25.13
C SER A 373 -50.58 -1.63 -24.38
N PRO A 374 -50.00 -0.42 -24.41
CA PRO A 374 -48.69 -0.07 -24.97
C PRO A 374 -47.56 -0.38 -23.98
N PRO A 375 -46.29 -0.41 -24.46
CA PRO A 375 -45.17 -0.72 -23.58
C PRO A 375 -45.05 0.20 -22.36
N ILE A 376 -44.78 -0.39 -21.20
CA ILE A 376 -44.53 0.38 -19.97
C ILE A 376 -43.15 1.06 -20.03
N ILE A 377 -42.20 0.39 -20.67
CA ILE A 377 -40.87 0.96 -20.89
C ILE A 377 -40.43 0.77 -22.34
N PRO A 378 -39.60 1.68 -22.86
CA PRO A 378 -39.13 1.60 -24.24
C PRO A 378 -38.04 0.55 -24.44
N THR A 379 -37.74 0.23 -25.69
CA THR A 379 -36.66 -0.70 -26.00
C THR A 379 -35.33 0.03 -25.97
N LEU A 380 -34.24 -0.72 -26.10
CA LEU A 380 -32.91 -0.14 -26.08
C LEU A 380 -32.62 0.62 -27.37
N ASP A 381 -33.03 0.06 -28.50
CA ASP A 381 -32.89 0.72 -29.80
C ASP A 381 -33.66 2.04 -29.86
N GLN A 382 -34.78 2.12 -29.14
CA GLN A 382 -35.52 3.38 -29.02
C GLN A 382 -34.71 4.40 -28.21
N LEU A 383 -34.04 3.94 -27.16
CA LEU A 383 -33.20 4.81 -26.35
C LEU A 383 -31.93 5.20 -27.10
N LYS A 384 -31.43 4.31 -27.97
CA LYS A 384 -30.29 4.65 -28.82
C LYS A 384 -30.62 5.79 -29.77
N GLU A 385 -31.80 5.74 -30.38
CA GLU A 385 -32.26 6.79 -31.29
C GLU A 385 -32.29 8.17 -30.63
N LEU A 386 -32.84 8.22 -29.42
CA LEU A 386 -32.94 9.48 -28.66
C LEU A 386 -31.59 9.95 -28.13
N ALA A 387 -30.61 9.05 -28.08
CA ALA A 387 -29.26 9.38 -27.61
C ALA A 387 -28.54 10.29 -28.59
N ASP A 388 -28.19 11.50 -28.12
CA ASP A 388 -27.43 12.46 -28.92
C ASP A 388 -25.92 12.16 -28.85
N GLU A 389 -25.10 13.07 -29.39
CA GLU A 389 -23.66 12.88 -29.43
C GLU A 389 -23.02 12.97 -28.03
N LYS A 390 -23.72 13.60 -27.10
CA LYS A 390 -23.28 13.68 -25.70
C LYS A 390 -23.33 12.31 -25.02
N ASP A 391 -24.24 11.44 -25.44
CA ASP A 391 -24.47 10.15 -24.81
C ASP A 391 -23.90 8.96 -25.58
N LYS A 392 -23.02 9.21 -26.54
CA LYS A 392 -22.46 8.14 -27.37
C LYS A 392 -21.38 7.38 -26.61
N HIS A 393 -21.50 6.05 -26.57
CA HIS A 393 -20.57 5.19 -25.82
C HIS A 393 -20.31 3.88 -26.57
N VAL A 394 -19.21 3.82 -27.33
CA VAL A 394 -18.80 2.58 -27.97
C VAL A 394 -17.73 1.93 -27.11
N ILE A 395 -17.85 0.62 -26.90
CA ILE A 395 -17.02 -0.13 -25.96
C ILE A 395 -16.60 -1.43 -26.67
N GLY A 396 -15.46 -1.39 -27.35
CA GLY A 396 -14.95 -2.53 -28.10
C GLY A 396 -15.81 -2.97 -29.28
N GLY A 397 -16.11 -2.01 -30.17
CA GLY A 397 -16.82 -2.29 -31.42
C GLY A 397 -18.33 -2.14 -31.38
N TYR A 398 -18.93 -2.56 -30.28
CA TYR A 398 -20.40 -2.55 -30.13
C TYR A 398 -20.92 -1.23 -29.56
N ASP A 399 -21.94 -0.67 -30.20
CA ASP A 399 -22.49 0.63 -29.81
C ASP A 399 -23.38 0.52 -28.57
N CYS A 400 -22.80 0.84 -27.41
CA CYS A 400 -23.51 0.78 -26.13
C CYS A 400 -24.12 2.13 -25.76
N SER A 401 -24.70 2.81 -26.75
CA SER A 401 -25.18 4.18 -26.57
C SER A 401 -26.68 4.22 -26.31
N PHE A 402 -27.08 5.06 -25.36
CA PHE A 402 -28.48 5.33 -25.10
C PHE A 402 -28.62 6.63 -24.31
N VAL A 403 -29.83 7.19 -24.29
CA VAL A 403 -30.07 8.48 -23.66
C VAL A 403 -29.78 8.43 -22.16
N SER A 404 -29.37 9.57 -21.62
CA SER A 404 -29.16 9.72 -20.18
C SER A 404 -30.24 10.61 -19.56
N ASP A 405 -30.74 11.58 -20.32
CA ASP A 405 -31.81 12.48 -19.84
C ASP A 405 -33.15 11.76 -19.89
N LEU A 406 -33.87 11.77 -18.77
CA LEU A 406 -35.17 11.10 -18.65
C LEU A 406 -36.29 11.90 -19.31
N SER A 407 -36.08 13.22 -19.45
CA SER A 407 -37.07 14.12 -20.02
C SER A 407 -37.34 13.79 -21.49
N LYS A 408 -36.30 13.37 -22.19
CA LYS A 408 -36.37 13.06 -23.62
C LYS A 408 -37.27 11.85 -23.91
N ILE A 409 -37.37 10.95 -22.93
CA ILE A 409 -38.24 9.77 -23.05
C ILE A 409 -39.68 10.18 -22.77
N LYS A 410 -40.56 9.96 -23.75
CA LYS A 410 -41.99 10.19 -23.58
C LYS A 410 -42.55 9.18 -22.58
N PRO A 411 -43.34 9.65 -21.59
CA PRO A 411 -43.97 8.71 -20.65
C PRO A 411 -44.87 7.69 -21.33
N THR A 412 -45.00 6.52 -20.72
CA THR A 412 -45.89 5.47 -21.22
C THR A 412 -47.36 5.88 -21.08
N LYS A 413 -48.21 5.32 -21.93
CA LYS A 413 -49.67 5.47 -21.81
C LYS A 413 -50.31 4.25 -21.13
N ASN A 414 -49.48 3.29 -20.71
CA ASN A 414 -49.99 2.07 -20.08
C ASN A 414 -50.55 2.36 -18.69
N THR A 415 -51.76 1.88 -18.42
CA THR A 415 -52.41 2.13 -17.13
C THR A 415 -52.77 0.83 -16.42
N GLU A 416 -52.14 -0.28 -16.84
CA GLU A 416 -52.40 -1.58 -16.22
C GLU A 416 -51.98 -1.56 -14.75
N THR A 417 -52.77 -2.22 -13.92
CA THR A 417 -52.48 -2.32 -12.49
C THR A 417 -51.52 -3.47 -12.25
N LEU A 418 -50.77 -3.38 -11.15
CA LEU A 418 -49.81 -4.41 -10.78
C LEU A 418 -50.47 -5.79 -10.66
N ASP A 419 -51.73 -5.81 -10.21
CA ASP A 419 -52.54 -7.03 -10.13
C ASP A 419 -52.48 -7.79 -11.44
N GLU A 420 -52.80 -7.10 -12.53
CA GLU A 420 -52.81 -7.70 -13.87
C GLU A 420 -51.40 -8.07 -14.33
N LEU A 421 -50.42 -7.20 -14.05
CA LEU A 421 -49.05 -7.41 -14.52
C LEU A 421 -48.36 -8.60 -13.85
N LEU A 422 -48.59 -8.79 -12.55
CA LEU A 422 -48.00 -9.90 -11.82
C LEU A 422 -48.48 -11.25 -12.37
N CYS A 423 -49.79 -11.39 -12.49
CA CYS A 423 -50.38 -12.61 -13.03
C CYS A 423 -49.97 -12.81 -14.49
N ASP A 424 -50.02 -11.74 -15.27
CA ASP A 424 -49.64 -11.81 -16.68
C ASP A 424 -48.15 -12.13 -16.86
N PHE A 425 -47.30 -11.74 -15.91
CA PHE A 425 -45.90 -12.12 -15.96
C PHE A 425 -45.81 -13.64 -15.89
N PHE A 426 -46.39 -14.20 -14.85
CA PHE A 426 -46.46 -15.66 -14.68
C PHE A 426 -47.12 -16.32 -15.88
N GLN A 427 -48.24 -15.77 -16.34
CA GLN A 427 -48.94 -16.27 -17.51
C GLN A 427 -48.05 -16.24 -18.75
N TYR A 428 -47.45 -15.08 -19.01
CA TYR A 428 -46.63 -14.89 -20.20
C TYR A 428 -45.46 -15.88 -20.28
N PHE A 429 -44.62 -15.91 -19.26
CA PHE A 429 -43.44 -16.77 -19.28
C PHE A 429 -43.79 -18.23 -18.99
N GLY A 430 -44.95 -18.48 -18.39
CA GLY A 430 -45.45 -19.84 -18.20
C GLY A 430 -45.73 -20.53 -19.54
N ASN A 431 -46.27 -19.76 -20.48
CA ASN A 431 -46.59 -20.27 -21.83
C ASN A 431 -45.63 -19.78 -22.91
N PHE A 432 -44.41 -19.43 -22.53
CA PHE A 432 -43.40 -18.95 -23.47
C PHE A 432 -42.63 -20.14 -24.03
N ASP A 433 -42.44 -20.16 -25.35
CA ASP A 433 -41.66 -21.21 -25.99
C ASP A 433 -40.18 -20.87 -25.90
N PHE A 434 -39.53 -21.40 -24.86
CA PHE A 434 -38.11 -21.13 -24.62
C PHE A 434 -37.21 -21.96 -25.52
N ARG A 435 -37.77 -22.99 -26.15
CA ARG A 435 -36.99 -23.84 -27.05
C ARG A 435 -36.78 -23.18 -28.42
N LYS A 436 -37.79 -22.44 -28.87
CA LYS A 436 -37.76 -21.80 -30.18
C LYS A 436 -37.39 -20.31 -30.13
N ASN A 437 -37.83 -19.62 -29.07
CA ASN A 437 -37.66 -18.17 -28.97
C ASN A 437 -36.59 -17.72 -27.98
N SER A 438 -36.06 -16.52 -28.21
CA SER A 438 -35.12 -15.87 -27.30
C SER A 438 -35.57 -14.43 -27.03
N LEU A 439 -35.01 -13.82 -26.00
CA LEU A 439 -35.40 -12.48 -25.57
C LEU A 439 -34.40 -11.43 -26.05
N ASN A 440 -34.84 -10.56 -26.97
CA ASN A 440 -34.04 -9.45 -27.44
C ASN A 440 -34.59 -8.14 -26.87
N LEU A 441 -33.81 -7.50 -26.01
CA LEU A 441 -34.24 -6.25 -25.37
C LEU A 441 -33.94 -5.00 -26.21
N ARG A 442 -33.16 -5.15 -27.28
CA ARG A 442 -32.95 -4.05 -28.23
C ARG A 442 -34.19 -3.90 -29.10
N LYS A 443 -34.63 -5.00 -29.69
CA LYS A 443 -35.84 -5.01 -30.52
C LYS A 443 -37.11 -5.05 -29.67
N GLY A 444 -37.03 -5.68 -28.51
CA GLY A 444 -38.20 -5.91 -27.67
C GLY A 444 -39.12 -6.97 -28.26
N LYS A 445 -38.52 -7.95 -28.95
CA LYS A 445 -39.28 -8.98 -29.65
C LYS A 445 -38.71 -10.38 -29.39
N GLU A 446 -39.56 -11.38 -29.58
CA GLU A 446 -39.13 -12.77 -29.58
C GLU A 446 -38.47 -13.06 -30.92
N VAL A 447 -37.26 -13.62 -30.88
CA VAL A 447 -36.53 -13.96 -32.10
C VAL A 447 -35.96 -15.36 -32.00
N ASN A 448 -35.52 -15.89 -33.14
CA ASN A 448 -34.87 -17.20 -33.16
C ASN A 448 -33.58 -17.15 -32.37
N LYS A 449 -33.23 -18.28 -31.76
CA LYS A 449 -32.11 -18.35 -30.85
C LYS A 449 -30.81 -18.57 -31.62
N PRO A 450 -29.88 -17.61 -31.58
CA PRO A 450 -28.58 -17.77 -32.25
C PRO A 450 -27.83 -19.04 -31.80
N GLU A 451 -27.90 -19.33 -30.51
CA GLU A 451 -27.33 -20.54 -29.93
C GLU A 451 -28.48 -21.44 -29.48
N SER A 452 -28.18 -22.71 -29.22
CA SER A 452 -29.20 -23.67 -28.82
C SER A 452 -29.28 -23.85 -27.28
N SER A 453 -28.96 -22.80 -26.54
CA SER A 453 -29.05 -22.82 -25.07
C SER A 453 -30.52 -22.86 -24.65
N PRO A 454 -30.84 -23.48 -23.50
CA PRO A 454 -32.25 -23.64 -23.12
C PRO A 454 -32.97 -22.31 -22.90
N LEU A 455 -32.35 -21.43 -22.12
CA LEU A 455 -32.85 -20.08 -21.89
C LEU A 455 -31.89 -19.09 -22.51
N TYR A 456 -32.32 -18.42 -23.59
CA TYR A 456 -31.49 -17.45 -24.28
C TYR A 456 -32.04 -16.03 -24.12
N ILE A 457 -31.25 -15.18 -23.48
CA ILE A 457 -31.55 -13.76 -23.38
C ILE A 457 -30.39 -13.00 -24.02
N TRP A 458 -30.69 -12.21 -25.06
CA TRP A 458 -29.68 -11.48 -25.81
C TRP A 458 -29.01 -10.46 -24.91
N ASN A 459 -27.69 -10.57 -24.77
CA ASN A 459 -26.89 -9.53 -24.13
C ASN A 459 -27.07 -8.26 -24.96
N PRO A 460 -27.65 -7.20 -24.36
CA PRO A 460 -28.03 -6.02 -25.13
C PRO A 460 -26.86 -5.18 -25.65
N PHE A 461 -25.66 -5.35 -25.10
CA PHE A 461 -24.51 -4.54 -25.46
C PHE A 461 -23.39 -5.28 -26.20
N GLU A 462 -23.54 -6.60 -26.35
CA GLU A 462 -22.54 -7.42 -27.03
C GLU A 462 -23.23 -8.36 -28.02
N GLN A 463 -22.66 -8.51 -29.20
CA GLN A 463 -23.37 -9.17 -30.31
C GLN A 463 -24.01 -10.56 -30.16
N ASP A 464 -23.20 -11.59 -29.96
CA ASP A 464 -23.72 -12.96 -29.74
C ASP A 464 -23.29 -13.46 -28.36
N LEU A 465 -23.89 -12.88 -27.33
CA LEU A 465 -23.69 -13.34 -25.95
C LEU A 465 -25.02 -13.58 -25.28
N ASN A 466 -25.07 -14.64 -24.47
CA ASN A 466 -26.27 -15.06 -23.78
C ASN A 466 -26.05 -14.93 -22.28
N ILE A 467 -26.71 -13.95 -21.68
CA ILE A 467 -26.56 -13.66 -20.24
C ILE A 467 -27.05 -14.81 -19.36
N SER A 468 -27.93 -15.66 -19.90
CA SER A 468 -28.51 -16.78 -19.17
C SER A 468 -28.03 -18.13 -19.73
N LYS A 469 -26.83 -18.15 -20.29
CA LYS A 469 -26.27 -19.35 -20.89
C LYS A 469 -26.01 -20.44 -19.83
N ASN A 470 -25.76 -20.01 -18.60
CA ASN A 470 -25.57 -20.91 -17.46
C ASN A 470 -26.77 -21.81 -17.16
N VAL A 471 -27.96 -21.37 -17.54
CA VAL A 471 -29.20 -22.04 -17.16
C VAL A 471 -29.43 -23.31 -17.97
N ASN A 472 -29.70 -24.41 -17.27
CA ASN A 472 -29.95 -25.71 -17.89
C ASN A 472 -31.45 -25.98 -18.07
N GLN A 473 -31.79 -27.14 -18.62
CA GLN A 473 -33.19 -27.48 -18.88
C GLN A 473 -34.00 -27.73 -17.61
N PRO A 474 -33.45 -28.50 -16.65
CA PRO A 474 -34.17 -28.74 -15.38
C PRO A 474 -34.61 -27.46 -14.66
N GLN A 475 -33.68 -26.52 -14.49
CA GLN A 475 -33.95 -25.29 -13.73
C GLN A 475 -34.96 -24.40 -14.43
N LEU A 476 -34.85 -24.31 -15.75
CA LEU A 476 -35.82 -23.57 -16.55
C LEU A 476 -37.22 -24.17 -16.43
N GLU A 477 -37.30 -25.50 -16.50
CA GLU A 477 -38.58 -26.20 -16.39
C GLU A 477 -39.24 -25.99 -15.03
N LYS A 478 -38.44 -25.98 -13.97
CA LYS A 478 -38.95 -25.73 -12.63
C LYS A 478 -39.50 -24.30 -12.49
N PHE A 479 -38.82 -23.35 -13.12
CA PHE A 479 -39.27 -21.96 -13.19
C PHE A 479 -40.61 -21.87 -13.92
N VAL A 480 -40.69 -22.50 -15.08
CA VAL A 480 -41.93 -22.52 -15.87
C VAL A 480 -43.07 -23.13 -15.06
N ALA A 481 -42.79 -24.20 -14.32
CA ALA A 481 -43.80 -24.86 -13.49
C ALA A 481 -44.24 -23.98 -12.32
N MET A 482 -43.27 -23.34 -11.66
CA MET A 482 -43.56 -22.40 -10.57
C MET A 482 -44.37 -21.20 -11.08
N ALA A 483 -43.98 -20.71 -12.26
CA ALA A 483 -44.69 -19.61 -12.91
C ALA A 483 -46.12 -20.01 -13.23
N ARG A 484 -46.31 -21.24 -13.71
CA ARG A 484 -47.64 -21.72 -14.05
C ARG A 484 -48.51 -21.93 -12.82
N GLU A 485 -47.94 -22.52 -11.78
CA GLU A 485 -48.66 -22.72 -10.53
C GLU A 485 -49.07 -21.39 -9.95
N SER A 486 -48.14 -20.42 -9.97
CA SER A 486 -48.38 -19.11 -9.41
C SER A 486 -49.52 -18.39 -10.11
N ALA A 487 -49.54 -18.47 -11.45
CA ALA A 487 -50.62 -17.91 -12.23
C ALA A 487 -51.96 -18.54 -11.87
N TRP A 488 -51.99 -19.87 -11.83
CA TRP A 488 -53.20 -20.62 -11.47
C TRP A 488 -53.73 -20.19 -10.09
N ILE A 489 -52.84 -20.14 -9.11
CA ILE A 489 -53.22 -19.69 -7.77
C ILE A 489 -53.92 -18.33 -7.83
N LEU A 490 -53.31 -17.39 -8.54
CA LEU A 490 -53.85 -16.02 -8.62
C LEU A 490 -55.14 -15.92 -9.42
N GLN A 491 -55.21 -16.64 -10.55
CA GLN A 491 -56.39 -16.56 -11.43
C GLN A 491 -57.67 -17.08 -10.77
N LYS A 492 -57.56 -18.20 -10.07
CA LYS A 492 -58.74 -18.87 -9.52
C LYS A 492 -58.66 -19.05 -8.01
N GLU A 493 -58.42 -17.94 -7.30
CA GLU A 493 -58.50 -17.93 -5.83
C GLU A 493 -59.62 -17.01 -5.36
N ASP A 494 -60.22 -17.35 -4.23
CA ASP A 494 -61.24 -16.51 -3.60
C ASP A 494 -60.54 -15.55 -2.64
N LYS A 495 -60.26 -14.33 -3.13
CA LYS A 495 -59.48 -13.36 -2.36
C LYS A 495 -60.18 -12.95 -1.08
N THR A 496 -61.47 -12.66 -1.18
CA THR A 496 -62.25 -12.20 -0.03
C THR A 496 -62.39 -13.30 1.04
N GLN A 497 -62.68 -14.53 0.60
CA GLN A 497 -62.85 -15.66 1.52
C GLN A 497 -61.56 -15.98 2.29
N GLN A 498 -60.41 -15.79 1.62
CA GLN A 498 -59.11 -16.03 2.24
C GLN A 498 -58.78 -14.98 3.30
N MET A 499 -59.18 -13.74 3.07
CA MET A 499 -59.05 -12.69 4.08
C MET A 499 -59.91 -13.02 5.30
N ILE A 500 -61.13 -13.48 5.04
CA ILE A 500 -62.04 -13.92 6.10
C ILE A 500 -61.43 -15.11 6.85
N ASN A 501 -60.97 -16.11 6.10
CA ASN A 501 -60.33 -17.30 6.69
C ASN A 501 -58.97 -17.03 7.37
N LYS A 502 -58.48 -15.80 7.28
CA LYS A 502 -57.19 -15.41 7.85
C LYS A 502 -56.02 -16.16 7.20
N GLU A 503 -56.16 -16.44 5.91
CA GLU A 503 -55.17 -17.20 5.14
C GLU A 503 -54.53 -16.31 4.06
N PRO A 504 -53.43 -16.78 3.45
CA PRO A 504 -52.75 -15.98 2.42
C PRO A 504 -53.58 -15.74 1.16
N TRP A 505 -53.31 -14.62 0.48
CA TRP A 505 -53.99 -14.28 -0.77
C TRP A 505 -53.11 -13.34 -1.59
N GLY A 506 -53.31 -13.31 -2.90
CA GLY A 506 -52.58 -12.42 -3.79
C GLY A 506 -51.08 -12.71 -3.81
N LEU A 507 -50.27 -11.64 -3.68
CA LEU A 507 -48.82 -11.77 -3.61
C LEU A 507 -48.37 -12.70 -2.49
N ALA A 508 -49.04 -12.63 -1.34
CA ALA A 508 -48.70 -13.45 -0.19
C ALA A 508 -48.85 -14.95 -0.48
N ALA A 509 -49.85 -15.29 -1.30
CA ALA A 509 -50.10 -16.70 -1.64
C ALA A 509 -49.00 -17.28 -2.53
N VAL A 510 -48.41 -16.45 -3.38
CA VAL A 510 -47.29 -16.88 -4.23
C VAL A 510 -45.93 -16.67 -3.55
N LEU A 511 -45.90 -16.10 -2.35
CA LEU A 511 -44.66 -15.93 -1.60
C LEU A 511 -44.51 -16.93 -0.45
N ILE A 512 -45.31 -18.00 -0.49
CA ILE A 512 -45.14 -19.13 0.43
C ILE A 512 -44.95 -20.42 -0.38
N PRO A 513 -44.17 -21.37 0.16
CA PRO A 513 -43.87 -22.60 -0.59
C PRO A 513 -45.12 -23.39 -0.98
N PHE A 514 -45.01 -24.19 -2.05
CA PHE A 514 -46.12 -25.03 -2.52
C PHE A 514 -45.93 -26.49 -2.06
N LYS B 39 29.10 18.82 14.66
CA LYS B 39 27.65 18.46 14.70
C LYS B 39 27.44 17.03 15.17
N THR B 40 26.28 16.81 15.80
CA THR B 40 25.90 15.49 16.29
C THR B 40 25.36 14.62 15.14
N PHE B 41 25.39 13.32 15.37
CA PHE B 41 24.82 12.33 14.45
C PHE B 41 23.40 12.71 14.03
N THR B 42 22.58 13.13 14.99
CA THR B 42 21.18 13.47 14.73
C THR B 42 21.04 14.72 13.84
N GLU B 43 21.89 15.71 14.06
CA GLU B 43 21.91 16.93 13.24
C GLU B 43 22.31 16.62 11.80
N VAL B 44 23.30 15.76 11.64
CA VAL B 44 23.77 15.36 10.33
C VAL B 44 22.67 14.61 9.57
N GLN B 45 21.97 13.71 10.28
CA GLN B 45 20.86 12.94 9.69
C GLN B 45 19.76 13.87 9.16
N THR B 46 19.30 14.77 10.02
CA THR B 46 18.25 15.73 9.66
C THR B 46 18.64 16.58 8.45
N GLU B 47 19.86 17.13 8.49
CA GLU B 47 20.35 18.01 7.44
C GLU B 47 20.46 17.27 6.09
N ARG B 48 20.96 16.04 6.14
CA ARG B 48 21.09 15.23 4.93
C ARG B 48 19.75 14.84 4.33
N LEU B 49 18.79 14.53 5.20
CA LEU B 49 17.43 14.16 4.77
C LEU B 49 16.66 15.36 4.22
N GLU B 50 16.93 16.54 4.78
CA GLU B 50 16.30 17.78 4.32
C GLU B 50 16.83 18.13 2.93
N GLN B 51 18.12 17.91 2.71
CA GLN B 51 18.75 18.10 1.40
C GLN B 51 18.24 17.09 0.38
N ALA B 52 18.13 15.83 0.79
CA ALA B 52 17.61 14.78 -0.08
C ALA B 52 16.14 15.03 -0.43
N ASP B 53 15.41 15.57 0.54
CA ASP B 53 14.00 15.89 0.38
C ASP B 53 13.71 16.82 -0.81
N ARG B 54 14.65 17.73 -1.09
CA ARG B 54 14.53 18.68 -2.20
C ARG B 54 15.54 18.35 -3.31
N SER B 55 15.67 17.07 -3.63
CA SER B 55 16.59 16.59 -4.67
C SER B 55 15.87 15.64 -5.61
N VAL B 56 16.34 15.57 -6.86
CA VAL B 56 15.78 14.66 -7.85
C VAL B 56 16.88 13.96 -8.64
N LEU B 57 16.48 12.95 -9.41
CA LEU B 57 17.40 12.26 -10.32
C LEU B 57 16.90 12.39 -11.75
N ILE B 58 17.82 12.68 -12.66
CA ILE B 58 17.47 12.89 -14.05
C ILE B 58 18.33 11.99 -14.95
N LYS B 59 17.69 11.00 -15.57
CA LYS B 59 18.37 10.21 -16.58
C LYS B 59 18.61 11.12 -17.80
N CYS B 60 19.87 11.41 -18.07
CA CYS B 60 20.23 12.37 -19.11
C CYS B 60 20.24 11.70 -20.47
N PRO B 61 20.14 12.49 -21.56
CA PRO B 61 20.24 11.94 -22.91
C PRO B 61 21.66 11.55 -23.30
N SER B 62 21.81 10.93 -24.47
CA SER B 62 23.12 10.51 -24.97
C SER B 62 24.05 11.71 -25.13
N LYS B 63 23.63 12.68 -25.95
CA LYS B 63 24.34 13.95 -26.08
C LYS B 63 23.85 14.84 -24.96
N LEU B 64 24.78 15.46 -24.24
CA LEU B 64 24.43 16.25 -23.07
C LEU B 64 25.23 17.55 -22.98
N ASN B 65 24.51 18.67 -23.05
CA ASN B 65 25.09 19.97 -22.74
C ASN B 65 24.72 20.35 -21.30
N GLU B 66 25.69 20.21 -20.40
CA GLU B 66 25.48 20.45 -18.97
C GLU B 66 24.89 21.81 -18.69
N LYS B 67 25.50 22.86 -19.23
CA LYS B 67 25.12 24.24 -18.94
C LYS B 67 23.66 24.53 -19.31
N LYS B 68 23.26 24.13 -20.52
CA LYS B 68 21.89 24.33 -20.99
C LYS B 68 20.89 23.67 -20.03
N LEU B 69 21.16 22.42 -19.69
CA LEU B 69 20.34 21.65 -18.75
C LEU B 69 20.20 22.36 -17.40
N LEU B 70 21.33 22.81 -16.84
CA LEU B 70 21.32 23.51 -15.56
C LEU B 70 20.66 24.88 -15.67
N GLN B 71 20.95 25.59 -16.76
CA GLN B 71 20.29 26.86 -17.06
C GLN B 71 18.78 26.69 -17.11
N TYR B 72 18.33 25.59 -17.71
CA TYR B 72 16.91 25.28 -17.77
C TYR B 72 16.36 24.94 -16.39
N LEU B 73 16.97 23.96 -15.72
CA LEU B 73 16.50 23.49 -14.42
C LEU B 73 16.46 24.60 -13.37
N SER B 74 17.37 25.57 -13.49
CA SER B 74 17.43 26.70 -12.56
C SER B 74 16.23 27.65 -12.68
N SER B 75 15.51 27.59 -13.81
CA SER B 75 14.29 28.38 -13.98
C SER B 75 13.21 27.97 -12.97
N HIS B 76 13.27 26.71 -12.53
CA HIS B 76 12.37 26.21 -11.51
C HIS B 76 12.81 26.58 -10.09
N GLY B 77 14.03 27.09 -9.95
CA GLY B 77 14.56 27.53 -8.67
C GLY B 77 16.07 27.39 -8.58
N LYS B 78 16.66 27.91 -7.52
CA LYS B 78 18.11 27.87 -7.33
C LYS B 78 18.58 26.44 -7.06
N ILE B 79 19.80 26.13 -7.51
CA ILE B 79 20.39 24.79 -7.34
C ILE B 79 21.62 24.87 -6.44
N ASP B 80 21.50 24.35 -5.22
CA ASP B 80 22.60 24.35 -4.26
C ASP B 80 23.74 23.43 -4.68
N ASN B 81 23.39 22.23 -5.11
CA ASN B 81 24.39 21.24 -5.52
C ASN B 81 23.88 20.33 -6.63
N TYR B 82 24.82 19.82 -7.41
CA TYR B 82 24.52 18.82 -8.43
C TYR B 82 25.77 18.03 -8.80
N PHE B 83 25.57 16.87 -9.41
CA PHE B 83 26.68 16.10 -9.98
C PHE B 83 26.14 15.06 -10.96
N PHE B 84 27.03 14.41 -11.66
CA PHE B 84 26.68 13.39 -12.65
C PHE B 84 27.37 12.08 -12.28
N PHE B 85 26.76 10.97 -12.65
CA PHE B 85 27.38 9.66 -12.47
C PHE B 85 26.94 8.67 -13.55
N GLU B 86 27.68 7.57 -13.66
CA GLU B 86 27.47 6.56 -14.70
C GLU B 86 27.01 5.14 -14.35
N ASN B 87 25.78 4.83 -14.71
CA ASN B 87 25.09 3.61 -14.30
C ASN B 87 24.02 3.27 -15.33
N ARG B 88 24.36 2.37 -16.25
CA ARG B 88 23.52 2.08 -17.41
C ARG B 88 23.05 3.42 -18.01
N GLY B 89 24.02 4.26 -18.38
CA GLY B 89 23.75 5.59 -18.90
C GLY B 89 24.12 6.69 -17.91
N ILE B 90 24.00 7.94 -18.36
CA ILE B 90 24.38 9.09 -17.54
C ILE B 90 23.21 9.59 -16.70
N HIS B 91 23.35 9.59 -15.39
CA HIS B 91 22.39 10.17 -14.47
C HIS B 91 22.92 11.37 -13.78
N ALA B 92 22.05 12.22 -13.33
CA ALA B 92 22.44 13.45 -12.65
C ALA B 92 21.59 13.67 -11.41
N LEU B 93 22.23 14.01 -10.29
CA LEU B 93 21.51 14.39 -9.07
C LEU B 93 21.41 15.91 -9.00
N ILE B 94 20.20 16.41 -8.75
CA ILE B 94 19.96 17.84 -8.68
C ILE B 94 19.37 18.18 -7.31
N GLU B 95 20.08 19.00 -6.54
CA GLU B 95 19.61 19.42 -5.21
C GLU B 95 19.21 20.90 -5.23
N PHE B 96 17.91 21.16 -5.21
CA PHE B 96 17.40 22.54 -5.20
C PHE B 96 17.52 23.18 -3.81
N SER B 97 17.41 24.50 -3.77
CA SER B 97 17.42 25.24 -2.51
C SER B 97 16.06 25.18 -1.81
N GLU B 98 15.00 25.14 -2.61
CA GLU B 98 13.64 25.06 -2.10
C GLU B 98 12.99 23.77 -2.57
N LYS B 99 12.17 23.15 -1.72
CA LYS B 99 11.42 21.95 -2.12
C LYS B 99 10.35 22.29 -3.14
N SER B 100 9.86 23.53 -3.11
CA SER B 100 8.88 24.02 -4.09
C SER B 100 9.40 23.89 -5.52
N SER B 101 10.70 24.02 -5.71
CA SER B 101 11.33 23.81 -7.01
C SER B 101 11.04 22.41 -7.59
N VAL B 102 10.96 21.41 -6.71
CA VAL B 102 10.63 20.06 -7.16
C VAL B 102 9.22 20.04 -7.72
N ALA B 103 8.29 20.67 -7.00
CA ALA B 103 6.91 20.76 -7.41
C ALA B 103 6.76 21.48 -8.74
N SER B 104 7.48 22.59 -8.88
CA SER B 104 7.52 23.34 -10.13
C SER B 104 7.95 22.47 -11.30
N LEU B 105 9.05 21.76 -11.12
CA LEU B 105 9.56 20.84 -12.13
C LEU B 105 8.56 19.72 -12.40
N GLN B 106 7.95 19.20 -11.34
CA GLN B 106 6.95 18.15 -11.47
C GLN B 106 5.76 18.60 -12.31
N ALA B 107 5.38 19.87 -12.15
CA ALA B 107 4.24 20.44 -12.89
C ALA B 107 4.37 20.30 -14.40
N VAL B 108 5.55 20.63 -14.94
CA VAL B 108 5.79 20.58 -16.38
C VAL B 108 6.14 19.18 -16.91
N THR B 109 6.34 18.23 -16.00
CA THR B 109 6.71 16.88 -16.39
C THR B 109 5.47 16.09 -16.83
N GLY B 110 5.64 15.20 -17.79
CA GLY B 110 4.53 14.40 -18.33
C GLY B 110 4.66 12.90 -18.09
N ILE B 111 3.55 12.19 -18.26
CA ILE B 111 3.53 10.74 -18.14
C ILE B 111 3.90 10.12 -19.50
N PRO B 112 4.75 9.05 -19.49
CA PRO B 112 5.14 8.31 -20.71
C PRO B 112 3.96 7.81 -21.56
N LYS B 113 3.76 8.45 -22.71
CA LYS B 113 2.68 8.08 -23.63
C LYS B 113 2.97 6.75 -24.31
N HIS B 118 -0.68 0.42 -19.56
CA HIS B 118 0.63 0.95 -19.92
C HIS B 118 1.55 1.01 -18.67
N VAL B 119 1.41 2.05 -17.86
CA VAL B 119 2.30 2.29 -16.72
C VAL B 119 1.54 2.53 -15.42
N VAL B 120 2.21 2.28 -14.30
CA VAL B 120 1.68 2.63 -12.99
C VAL B 120 1.97 4.12 -12.80
N PRO B 121 0.92 4.95 -12.78
CA PRO B 121 1.16 6.40 -12.78
C PRO B 121 1.50 6.96 -11.41
N TYR B 122 2.48 6.35 -10.73
CA TYR B 122 2.99 6.88 -9.47
C TYR B 122 4.04 7.94 -9.79
N LYS B 123 3.78 9.18 -9.38
CA LYS B 123 4.65 10.31 -9.70
C LYS B 123 5.70 10.54 -8.62
N SER B 124 6.94 10.15 -8.89
CA SER B 124 8.02 10.34 -7.94
C SER B 124 8.99 11.42 -8.46
N ARG B 125 10.23 11.40 -7.98
CA ARG B 125 11.25 12.38 -8.37
C ARG B 125 12.31 11.80 -9.29
N LEU B 126 11.91 10.82 -10.11
CA LEU B 126 12.79 10.24 -11.12
C LEU B 126 12.34 10.67 -12.50
N PHE B 127 13.22 11.40 -13.19
CA PHE B 127 12.89 12.02 -14.46
C PHE B 127 13.72 11.46 -15.60
N THR B 128 13.22 11.63 -16.82
CA THR B 128 13.86 11.15 -18.01
C THR B 128 13.79 12.23 -19.09
N PHE B 129 14.81 13.07 -19.13
CA PHE B 129 14.89 14.17 -20.08
C PHE B 129 15.42 13.61 -21.40
N THR B 130 14.83 14.06 -22.51
CA THR B 130 15.32 13.71 -23.84
C THR B 130 15.28 14.93 -24.73
N LEU B 131 16.13 14.93 -25.75
CA LEU B 131 16.18 16.03 -26.72
C LEU B 131 14.87 16.06 -27.51
N LYS B 132 14.25 17.23 -27.60
CA LYS B 132 13.04 17.40 -28.40
C LYS B 132 13.30 17.07 -29.86
N ASN B 133 14.40 17.61 -30.39
CA ASN B 133 14.81 17.40 -31.77
C ASN B 133 16.21 16.77 -31.82
N PRO B 134 16.31 15.44 -31.59
CA PRO B 134 17.59 14.73 -31.53
C PRO B 134 18.57 15.10 -32.63
N GLY B 135 18.07 15.17 -33.86
CA GLY B 135 18.91 15.34 -35.04
C GLY B 135 19.11 16.79 -35.44
N SER B 136 19.45 17.64 -34.48
CA SER B 136 19.80 19.03 -34.76
C SER B 136 20.74 19.56 -33.70
N GLN B 137 21.74 18.75 -33.36
CA GLN B 137 22.70 19.07 -32.31
C GLN B 137 24.04 18.36 -32.53
N ALA B 138 25.12 19.05 -32.22
CA ALA B 138 26.44 18.43 -32.14
C ALA B 138 26.67 17.80 -30.76
N ALA B 139 26.46 18.51 -29.63
CA ALA B 139 26.26 19.98 -29.54
C ALA B 139 27.07 20.70 -28.44
N GLU B 140 27.12 20.25 -27.18
CA GLU B 140 26.57 19.01 -26.59
C GLU B 140 27.45 17.76 -26.83
N GLU B 141 28.56 17.95 -27.55
CA GLU B 141 29.63 16.97 -27.63
C GLU B 141 30.66 17.29 -26.53
N ARG B 142 30.28 18.15 -25.59
CA ARG B 142 31.15 18.53 -24.48
C ARG B 142 31.01 17.44 -23.43
N PRO B 143 32.13 16.76 -23.08
CA PRO B 143 32.04 15.67 -22.10
C PRO B 143 31.83 16.18 -20.66
N VAL B 144 31.25 15.32 -19.81
CA VAL B 144 30.90 15.68 -18.44
C VAL B 144 31.74 14.88 -17.45
N LYS B 145 31.98 15.47 -16.27
CA LYS B 145 32.73 14.80 -15.22
C LYS B 145 31.87 13.76 -14.49
N ILE B 146 32.31 12.51 -14.54
CA ILE B 146 31.59 11.40 -13.92
C ILE B 146 32.13 11.16 -12.51
N SER B 147 31.30 11.40 -11.49
CA SER B 147 31.66 11.09 -10.12
C SER B 147 31.58 9.59 -9.91
N PRO B 148 32.69 8.97 -9.45
CA PRO B 148 32.72 7.52 -9.29
C PRO B 148 31.88 7.05 -8.10
N GLN B 149 31.19 5.93 -8.26
CA GLN B 149 30.33 5.38 -7.21
C GLN B 149 30.83 4.04 -6.66
N SER B 150 31.93 3.53 -7.20
CA SER B 150 32.56 2.31 -6.71
C SER B 150 34.07 2.50 -6.60
N HIS B 151 34.68 1.86 -5.61
CA HIS B 151 36.12 1.96 -5.40
C HIS B 151 36.87 1.12 -6.41
N ILE B 152 38.11 1.51 -6.70
CA ILE B 152 38.97 0.74 -7.60
C ILE B 152 39.28 -0.61 -6.98
N PRO B 153 39.44 -1.64 -7.81
CA PRO B 153 39.62 -3.00 -7.28
C PRO B 153 40.95 -3.18 -6.55
N VAL B 154 41.10 -4.32 -5.89
CA VAL B 154 42.28 -4.57 -5.06
C VAL B 154 43.55 -4.60 -5.90
N ASN B 155 43.50 -5.27 -7.05
CA ASN B 155 44.67 -5.36 -7.93
C ASN B 155 45.24 -3.97 -8.30
N GLU B 156 44.36 -3.04 -8.63
CA GLU B 156 44.77 -1.67 -8.96
C GLU B 156 45.27 -0.89 -7.75
N LEU B 157 44.80 -1.27 -6.56
CA LEU B 157 45.17 -0.58 -5.33
C LEU B 157 46.60 -0.89 -4.87
N ILE B 158 47.08 -2.11 -5.14
CA ILE B 158 48.38 -2.57 -4.63
C ILE B 158 49.54 -1.67 -5.10
N PRO B 159 49.62 -1.37 -6.42
CA PRO B 159 50.67 -0.45 -6.87
C PRO B 159 50.68 0.87 -6.10
N LYS B 160 49.52 1.50 -5.96
CA LYS B 160 49.42 2.78 -5.27
C LYS B 160 49.91 2.67 -3.82
N LEU B 161 49.60 1.55 -3.18
CA LEU B 161 50.07 1.29 -1.82
C LEU B 161 51.58 1.08 -1.78
N CYS B 162 52.11 0.34 -2.75
CA CYS B 162 53.54 0.04 -2.82
C CYS B 162 54.41 1.28 -3.09
N HIS B 163 53.85 2.27 -3.79
CA HIS B 163 54.57 3.52 -4.08
C HIS B 163 54.44 4.58 -2.96
N ALA B 164 53.77 4.25 -1.86
CA ALA B 164 53.66 5.16 -0.72
C ALA B 164 54.95 5.18 0.09
N ASP B 165 55.08 6.17 0.98
CA ASP B 165 56.29 6.33 1.78
C ASP B 165 56.34 5.36 2.96
N SER B 166 55.28 5.39 3.77
CA SER B 166 55.20 4.61 4.99
C SER B 166 53.92 3.78 5.01
N ILE B 167 53.71 3.02 6.09
CA ILE B 167 52.51 2.22 6.23
C ILE B 167 51.32 3.11 6.57
N SER B 168 51.54 4.11 7.44
CA SER B 168 50.50 5.12 7.72
C SER B 168 49.85 5.59 6.43
N SER B 169 50.66 6.03 5.49
CA SER B 169 50.17 6.62 4.24
C SER B 169 49.45 5.60 3.37
N GLN B 170 49.90 4.35 3.42
CA GLN B 170 49.21 3.25 2.73
C GLN B 170 47.76 3.13 3.20
N MET B 171 47.57 3.15 4.52
CA MET B 171 46.25 3.00 5.11
C MET B 171 45.37 4.23 4.85
N TYR B 172 46.00 5.38 4.61
CA TYR B 172 45.27 6.60 4.27
C TYR B 172 44.94 6.68 2.78
N ILE B 173 45.78 6.07 1.95
CA ILE B 173 45.46 5.93 0.53
C ILE B 173 44.23 5.04 0.38
N LEU B 174 44.32 3.83 0.94
CA LEU B 174 43.21 2.89 0.96
C LEU B 174 41.92 3.55 1.48
N LEU B 175 42.02 4.21 2.63
CA LEU B 175 40.87 4.91 3.21
C LEU B 175 40.25 5.89 2.22
N ASN B 176 41.11 6.72 1.62
CA ASN B 176 40.64 7.74 0.69
C ASN B 176 40.03 7.15 -0.58
N GLU B 177 40.61 6.06 -1.07
CA GLU B 177 40.10 5.39 -2.25
C GLU B 177 38.76 4.69 -2.00
N TYR B 178 38.49 4.32 -0.75
CA TYR B 178 37.36 3.44 -0.43
C TYR B 178 36.17 4.16 0.20
N GLN B 179 36.43 5.16 1.06
CA GLN B 179 35.36 5.82 1.82
C GLN B 179 34.30 6.44 0.92
N LEU B 180 33.12 6.66 1.47
CA LEU B 180 32.02 7.23 0.71
C LEU B 180 32.34 8.67 0.35
N THR B 181 32.02 9.06 -0.87
CA THR B 181 32.19 10.44 -1.28
C THR B 181 30.98 11.24 -0.82
N GLU B 182 31.07 12.56 -0.92
CA GLU B 182 29.94 13.44 -0.64
C GLU B 182 28.81 13.14 -1.63
N GLU B 183 29.16 12.91 -2.88
CA GLU B 183 28.18 12.62 -3.93
C GLU B 183 27.46 11.30 -3.66
N ASN B 184 28.21 10.30 -3.20
CA ASN B 184 27.65 8.99 -2.92
C ASN B 184 26.73 9.04 -1.71
N ILE B 185 27.12 9.78 -0.69
CA ILE B 185 26.29 9.96 0.51
C ILE B 185 24.95 10.59 0.14
N LYS B 186 24.98 11.68 -0.63
CA LYS B 186 23.75 12.33 -1.08
C LYS B 186 22.85 11.37 -1.86
N LEU B 187 23.47 10.46 -2.60
CA LEU B 187 22.75 9.49 -3.41
C LEU B 187 22.07 8.44 -2.53
N ARG B 188 22.72 8.14 -1.40
CA ARG B 188 22.18 7.19 -0.43
C ARG B 188 20.98 7.78 0.28
N TYR B 189 21.14 9.00 0.76
CA TYR B 189 20.03 9.70 1.41
C TYR B 189 18.84 9.90 0.47
N LEU B 190 19.12 10.16 -0.80
CA LEU B 190 18.04 10.32 -1.78
C LEU B 190 17.28 9.02 -1.95
N ALA B 191 18.00 7.90 -2.02
CA ALA B 191 17.36 6.60 -2.15
C ALA B 191 16.40 6.36 -1.00
N CYS B 192 16.82 6.73 0.20
CA CYS B 192 15.96 6.65 1.37
C CYS B 192 14.72 7.53 1.17
N SER B 193 14.96 8.76 0.73
CA SER B 193 13.88 9.74 0.54
C SER B 193 12.80 9.28 -0.46
N LEU B 194 13.20 8.50 -1.46
CA LEU B 194 12.24 8.00 -2.46
C LEU B 194 11.40 6.86 -1.90
N VAL B 195 12.02 6.01 -1.07
CA VAL B 195 11.32 4.93 -0.41
C VAL B 195 10.35 5.50 0.62
N ARG B 196 10.77 6.57 1.29
CA ARG B 196 9.91 7.29 2.21
C ARG B 196 8.63 7.76 1.51
N ASP B 197 8.77 8.48 0.40
CA ASP B 197 7.62 8.96 -0.37
C ASP B 197 6.76 7.79 -0.75
N PHE B 198 7.43 6.72 -1.17
CA PHE B 198 6.76 5.55 -1.63
C PHE B 198 6.02 4.86 -0.49
N ALA B 199 6.64 4.78 0.68
CA ALA B 199 5.96 4.25 1.87
C ALA B 199 4.81 5.16 2.27
N ARG B 200 5.07 6.47 2.25
CA ARG B 200 4.11 7.50 2.62
C ARG B 200 2.79 7.44 1.86
N ALA B 201 2.78 6.81 0.69
CA ALA B 201 1.52 6.57 -0.02
C ALA B 201 0.46 6.05 0.95
N TYR B 202 0.82 5.05 1.75
CA TYR B 202 -0.09 4.43 2.72
C TYR B 202 0.03 5.02 4.12
N PHE B 203 1.23 5.48 4.46
CA PHE B 203 1.56 5.91 5.81
C PHE B 203 2.16 7.31 5.76
N PRO B 204 1.31 8.36 5.73
CA PRO B 204 1.79 9.74 5.51
C PRO B 204 2.86 10.22 6.50
N ASP B 205 2.85 9.69 7.72
CA ASP B 205 3.77 10.13 8.76
C ASP B 205 5.05 9.28 8.86
N SER B 206 5.34 8.48 7.85
CA SER B 206 6.57 7.64 7.86
C SER B 206 7.83 8.45 7.57
N THR B 207 8.97 7.94 8.06
CA THR B 207 10.32 8.40 7.66
C THR B 207 11.11 7.15 7.32
N VAL B 208 12.03 7.27 6.38
CA VAL B 208 12.97 6.20 6.07
C VAL B 208 14.37 6.76 6.29
N LYS B 209 15.05 6.24 7.29
CA LYS B 209 16.38 6.73 7.66
C LYS B 209 17.44 5.67 7.41
N PRO B 210 18.58 6.06 6.81
CA PRO B 210 19.68 5.11 6.69
C PRO B 210 20.37 4.86 8.03
N PHE B 211 20.85 3.64 8.23
CA PHE B 211 21.66 3.31 9.38
C PHE B 211 22.80 2.39 8.91
N GLY B 212 23.60 1.90 9.84
CA GLY B 212 24.71 1.02 9.51
C GLY B 212 25.83 1.74 8.80
N SER B 213 26.56 1.02 7.95
CA SER B 213 27.78 1.53 7.34
C SER B 213 27.58 2.79 6.50
N SER B 214 26.37 2.99 5.98
CA SER B 214 26.07 4.19 5.19
C SER B 214 26.30 5.50 5.96
N VAL B 215 26.11 5.46 7.28
CA VAL B 215 26.15 6.68 8.10
C VAL B 215 27.01 6.59 9.37
N ASN B 216 27.69 5.47 9.60
CA ASN B 216 28.57 5.32 10.78
C ASN B 216 30.04 5.64 10.50
N THR B 217 30.30 6.30 9.37
CA THR B 217 31.65 6.72 8.93
C THR B 217 32.54 5.60 8.40
N PHE B 218 32.11 4.34 8.53
CA PHE B 218 32.92 3.21 8.12
C PHE B 218 32.44 2.62 6.80
N GLY B 219 31.54 3.32 6.11
CA GLY B 219 31.02 2.86 4.84
C GLY B 219 32.05 2.97 3.73
N LYS B 220 32.18 1.90 2.95
CA LYS B 220 33.00 1.93 1.73
C LYS B 220 32.08 1.96 0.52
N LEU B 221 32.61 2.50 -0.58
CA LEU B 221 31.86 2.55 -1.83
C LEU B 221 31.42 1.14 -2.22
N GLY B 222 30.18 1.03 -2.71
CA GLY B 222 29.63 -0.25 -3.16
C GLY B 222 28.88 -1.01 -2.09
N CYS B 223 28.89 -0.51 -0.85
CA CYS B 223 28.22 -1.19 0.25
C CYS B 223 26.71 -0.99 0.18
N ASP B 224 25.97 -1.91 0.79
CA ASP B 224 24.51 -1.82 0.87
C ASP B 224 24.01 -0.54 1.55
N VAL B 225 22.78 -0.15 1.23
CA VAL B 225 22.09 0.93 1.94
C VAL B 225 21.04 0.31 2.86
N ASP B 226 21.33 0.34 4.16
CA ASP B 226 20.41 -0.17 5.16
C ASP B 226 19.41 0.93 5.58
N MET B 227 18.12 0.60 5.58
CA MET B 227 17.03 1.57 5.77
C MET B 227 16.09 1.14 6.87
N PHE B 228 15.79 2.06 7.78
CA PHE B 228 14.77 1.83 8.81
C PHE B 228 13.52 2.64 8.52
N LEU B 229 12.39 1.94 8.43
CA LEU B 229 11.08 2.56 8.36
C LEU B 229 10.62 2.88 9.77
N ASP B 230 10.39 4.17 10.03
CA ASP B 230 9.97 4.68 11.34
C ASP B 230 8.67 5.49 11.24
N PHE B 231 7.86 5.46 12.30
CA PHE B 231 6.62 6.24 12.35
C PHE B 231 6.61 7.29 13.47
N HIS B 232 6.29 8.54 13.11
CA HIS B 232 6.16 9.63 14.09
C HIS B 232 5.05 10.60 13.69
N LYS B 243 -8.44 20.05 22.11
CA LYS B 243 -9.36 21.15 21.91
C LYS B 243 -10.69 20.89 22.63
N GLY B 244 -11.44 19.88 22.19
CA GLY B 244 -12.77 19.60 22.74
C GLY B 244 -12.78 18.55 23.84
N PRO B 245 -13.98 18.02 24.17
CA PRO B 245 -14.15 17.12 25.31
C PRO B 245 -13.91 15.64 25.03
N PHE B 246 -13.60 15.28 23.78
CA PHE B 246 -13.42 13.88 23.40
C PHE B 246 -11.97 13.52 23.11
N GLU B 247 -11.57 12.33 23.56
CA GLU B 247 -10.29 11.74 23.17
C GLU B 247 -10.54 10.88 21.92
N MET B 248 -10.13 11.43 20.77
CA MET B 248 -10.46 10.83 19.47
C MET B 248 -9.30 10.00 18.97
N GLU B 249 -9.59 8.79 18.50
CA GLU B 249 -8.54 7.90 17.99
C GLU B 249 -8.97 7.13 16.77
N TYR B 250 -7.97 6.63 16.05
CA TYR B 250 -8.20 5.79 14.88
C TYR B 250 -8.68 4.42 15.31
N GLN B 251 -9.52 3.81 14.48
CA GLN B 251 -9.83 2.40 14.61
C GLN B 251 -8.77 1.67 13.80
N MET B 252 -8.06 0.76 14.46
CA MET B 252 -6.96 0.02 13.84
C MET B 252 -7.00 -1.40 14.39
N LYS B 253 -6.75 -2.39 13.54
CA LYS B 253 -6.78 -3.78 14.01
C LYS B 253 -5.61 -4.03 14.97
N ARG B 254 -5.91 -4.68 16.09
CA ARG B 254 -4.90 -5.08 17.08
C ARG B 254 -4.20 -6.35 16.61
N LEU B 255 -2.87 -6.30 16.51
CA LEU B 255 -2.08 -7.49 16.24
C LEU B 255 -1.36 -7.95 17.51
N PRO B 256 -1.16 -9.26 17.67
CA PRO B 256 -0.53 -9.80 18.90
C PRO B 256 0.84 -9.24 19.28
N SER B 257 1.65 -8.81 18.30
CA SER B 257 2.94 -8.22 18.58
C SER B 257 3.35 -7.18 17.52
N GLU B 258 4.36 -6.39 17.85
CA GLU B 258 4.92 -5.50 16.88
C GLU B 258 5.43 -6.29 15.73
N ARG B 259 6.03 -7.43 16.01
CA ARG B 259 6.66 -8.25 14.98
C ARG B 259 5.71 -8.57 13.83
N LEU B 260 4.51 -9.03 14.16
CA LEU B 260 3.56 -9.46 13.14
C LEU B 260 3.07 -8.29 12.27
N ALA B 261 3.01 -7.10 12.86
CA ALA B 261 2.65 -5.86 12.15
C ALA B 261 3.76 -5.48 11.18
N THR B 262 4.99 -5.50 11.68
CA THR B 262 6.19 -5.26 10.89
C THR B 262 6.25 -6.15 9.63
N GLN B 263 5.93 -7.43 9.80
CA GLN B 263 5.97 -8.38 8.69
C GLN B 263 4.95 -8.05 7.59
N LYS B 264 3.73 -7.72 8.00
CA LYS B 264 2.67 -7.41 7.05
C LYS B 264 2.94 -6.11 6.30
N ILE B 265 3.35 -5.08 7.06
CA ILE B 265 3.75 -3.81 6.48
C ILE B 265 4.83 -3.98 5.43
N LEU B 266 5.90 -4.68 5.79
CA LEU B 266 7.05 -4.83 4.92
C LEU B 266 6.71 -5.69 3.70
N SER B 267 5.84 -6.68 3.90
CA SER B 267 5.38 -7.53 2.80
C SER B 267 4.62 -6.73 1.73
N ILE B 268 3.79 -5.80 2.19
CA ILE B 268 2.99 -5.00 1.29
C ILE B 268 3.84 -3.95 0.56
N ILE B 269 4.72 -3.28 1.28
CA ILE B 269 5.63 -2.33 0.65
C ILE B 269 6.50 -3.06 -0.38
N GLY B 270 6.93 -4.27 -0.05
CA GLY B 270 7.70 -5.08 -0.99
C GLY B 270 6.94 -5.29 -2.27
N ASP B 271 5.73 -5.84 -2.14
CA ASP B 271 4.85 -6.04 -3.28
C ASP B 271 4.71 -4.77 -4.11
N CYS B 272 4.55 -3.63 -3.44
CA CYS B 272 4.42 -2.35 -4.14
C CYS B 272 5.70 -1.92 -4.86
N LEU B 273 6.83 -2.00 -4.16
CA LEU B 273 8.12 -1.69 -4.78
C LEU B 273 8.31 -2.55 -6.03
N ASP B 274 7.96 -3.83 -5.93
CA ASP B 274 8.06 -4.76 -7.04
C ASP B 274 7.16 -4.38 -8.22
N ASN B 275 5.91 -4.07 -7.92
CA ASN B 275 4.89 -3.92 -8.95
C ASN B 275 4.55 -2.48 -9.31
N PHE B 276 4.73 -1.57 -8.37
CA PHE B 276 4.38 -0.16 -8.59
C PHE B 276 5.53 0.84 -8.72
N GLY B 277 6.59 0.65 -7.91
CA GLY B 277 7.62 1.69 -7.78
C GLY B 277 8.71 1.63 -8.85
N PRO B 278 9.20 2.79 -9.32
CA PRO B 278 10.06 2.77 -10.49
C PRO B 278 11.56 2.58 -10.17
N GLY B 279 12.20 1.64 -10.86
CA GLY B 279 13.63 1.36 -10.67
C GLY B 279 13.95 0.31 -9.61
N TYR B 280 12.94 -0.19 -8.92
CA TYR B 280 13.12 -1.26 -7.93
C TYR B 280 13.06 -2.62 -8.63
N SER B 281 13.99 -3.50 -8.29
CA SER B 281 13.98 -4.86 -8.82
C SER B 281 14.69 -5.81 -7.85
N SER B 282 14.63 -7.11 -8.16
CA SER B 282 15.17 -8.14 -7.29
C SER B 282 14.64 -8.01 -5.86
N VAL B 283 13.35 -7.71 -5.73
CA VAL B 283 12.74 -7.53 -4.42
C VAL B 283 12.61 -8.88 -3.73
N GLN B 284 13.36 -9.05 -2.64
CA GLN B 284 13.41 -10.33 -1.93
C GLN B 284 12.89 -10.12 -0.51
N LYS B 285 11.77 -10.74 -0.20
CA LYS B 285 11.15 -10.62 1.12
C LYS B 285 11.70 -11.66 2.08
N ILE B 286 12.30 -11.19 3.17
CA ILE B 286 12.87 -12.06 4.21
C ILE B 286 12.25 -11.65 5.54
N LEU B 287 10.96 -11.96 5.66
CA LEU B 287 10.16 -11.54 6.80
C LEU B 287 10.32 -12.48 8.01
N ASN B 288 10.90 -13.66 7.82
CA ASN B 288 11.06 -14.65 8.89
C ASN B 288 12.39 -14.55 9.64
N ALA B 289 13.25 -13.63 9.24
CA ALA B 289 14.54 -13.42 9.92
C ALA B 289 14.31 -12.80 11.29
N ARG B 290 15.36 -12.75 12.12
CA ARG B 290 15.27 -12.15 13.45
C ARG B 290 14.75 -10.72 13.32
N CYS B 291 15.38 -9.96 12.42
CA CYS B 291 14.87 -8.66 12.01
C CYS B 291 14.23 -8.81 10.62
N PRO B 292 12.88 -8.69 10.53
CA PRO B 292 12.20 -8.78 9.23
C PRO B 292 12.82 -7.82 8.22
N LEU B 293 12.89 -8.23 6.96
CA LEU B 293 13.70 -7.52 6.00
C LEU B 293 13.21 -7.69 4.56
N VAL B 294 13.23 -6.60 3.81
CA VAL B 294 13.05 -6.66 2.37
C VAL B 294 14.33 -6.15 1.70
N LYS B 295 14.90 -6.98 0.84
CA LYS B 295 16.05 -6.61 0.04
C LYS B 295 15.58 -6.21 -1.34
N PHE B 296 16.23 -5.21 -1.93
CA PHE B 296 15.93 -4.82 -3.30
C PHE B 296 17.09 -4.06 -3.91
N SER B 297 17.17 -4.12 -5.23
CA SER B 297 18.12 -3.33 -5.99
C SER B 297 17.39 -2.07 -6.45
N HIS B 298 18.10 -0.94 -6.42
CA HIS B 298 17.55 0.31 -6.92
C HIS B 298 18.37 0.73 -8.13
N GLN B 299 17.79 0.54 -9.31
CA GLN B 299 18.50 0.63 -10.58
C GLN B 299 19.04 2.03 -10.91
N PRO B 300 18.27 3.09 -10.61
CA PRO B 300 18.77 4.44 -10.91
C PRO B 300 20.07 4.80 -10.16
N THR B 301 20.14 4.42 -8.89
CA THR B 301 21.34 4.66 -8.07
C THR B 301 22.34 3.52 -8.16
N GLY B 302 21.84 2.31 -8.43
CA GLY B 302 22.67 1.11 -8.49
C GLY B 302 22.99 0.53 -7.13
N PHE B 303 22.32 1.02 -6.09
CA PHE B 303 22.52 0.49 -4.75
C PHE B 303 21.78 -0.81 -4.57
N GLN B 304 22.32 -1.65 -3.70
CA GLN B 304 21.59 -2.76 -3.16
C GLN B 304 21.07 -2.22 -1.82
N CYS B 305 19.79 -2.48 -1.52
CA CYS B 305 19.12 -1.85 -0.39
C CYS B 305 18.48 -2.88 0.53
N ASP B 306 18.49 -2.56 1.82
CA ASP B 306 17.88 -3.43 2.83
C ASP B 306 16.93 -2.58 3.66
N LEU B 307 15.65 -2.98 3.72
CA LEU B 307 14.63 -2.21 4.43
C LEU B 307 14.02 -3.00 5.58
N SER B 308 14.04 -2.41 6.77
CA SER B 308 13.45 -3.02 7.95
C SER B 308 12.68 -1.94 8.72
N VAL B 309 11.88 -2.37 9.70
CA VAL B 309 11.16 -1.44 10.58
C VAL B 309 12.09 -1.03 11.70
N SER B 310 11.96 0.22 12.14
CA SER B 310 12.97 0.85 13.00
C SER B 310 13.32 0.03 14.23
N ASN B 311 14.60 -0.32 14.35
CA ASN B 311 15.15 -0.97 15.54
C ASN B 311 16.10 0.04 16.17
N SER B 312 15.70 0.59 17.30
CA SER B 312 16.43 1.68 17.91
C SER B 312 17.77 1.24 18.52
N ILE B 313 17.93 -0.06 18.79
CA ILE B 313 19.22 -0.60 19.26
C ILE B 313 20.25 -0.45 18.14
N ALA B 314 19.86 -0.88 16.93
CA ALA B 314 20.74 -0.82 15.77
C ALA B 314 21.19 0.59 15.42
N ILE B 315 20.34 1.59 15.68
CA ILE B 315 20.68 2.98 15.42
C ILE B 315 21.69 3.49 16.45
N ARG B 316 21.55 3.06 17.70
CA ARG B 316 22.49 3.44 18.73
C ARG B 316 23.89 2.92 18.38
N CYS B 317 23.97 1.68 17.88
CA CYS B 317 25.24 1.11 17.39
C CYS B 317 25.86 1.97 16.31
N SER B 318 25.03 2.43 15.38
CA SER B 318 25.50 3.27 14.29
C SER B 318 26.03 4.58 14.82
N GLU B 319 25.33 5.15 15.80
CA GLU B 319 25.77 6.40 16.42
C GLU B 319 27.03 6.18 17.27
N LEU B 320 27.10 5.04 17.95
CA LEU B 320 28.28 4.70 18.73
C LEU B 320 29.51 4.65 17.82
N LEU B 321 29.38 3.90 16.73
CA LEU B 321 30.44 3.77 15.75
C LEU B 321 30.77 5.10 15.07
N TYR B 322 29.76 5.96 14.91
CA TYR B 322 29.94 7.30 14.35
C TYR B 322 30.86 8.14 15.24
N ILE B 323 30.62 8.09 16.54
CA ILE B 323 31.44 8.81 17.50
C ILE B 323 32.88 8.32 17.44
N TYR B 324 33.07 7.01 17.55
CA TYR B 324 34.39 6.41 17.47
C TYR B 324 35.11 6.79 16.17
N GLY B 325 34.40 6.72 15.05
CA GLY B 325 34.97 7.11 13.76
C GLY B 325 35.34 8.59 13.68
N CYS B 326 34.56 9.44 14.35
CA CYS B 326 34.78 10.90 14.33
C CYS B 326 35.84 11.37 15.33
N LEU B 327 36.07 10.58 16.38
CA LEU B 327 37.01 10.98 17.43
C LEU B 327 38.46 11.01 16.96
N ASP B 328 38.79 10.22 15.95
CA ASP B 328 40.18 10.11 15.50
C ASP B 328 40.27 9.46 14.12
N PRO B 329 41.08 10.04 13.21
CA PRO B 329 41.18 9.48 11.86
C PRO B 329 41.81 8.07 11.82
N ARG B 330 42.68 7.77 12.78
CA ARG B 330 43.32 6.45 12.86
C ARG B 330 42.29 5.32 13.01
N VAL B 331 41.19 5.62 13.71
CA VAL B 331 40.12 4.64 13.92
C VAL B 331 39.57 4.18 12.58
N ARG B 332 39.18 5.14 11.74
CA ARG B 332 38.66 4.83 10.41
C ARG B 332 39.73 4.23 9.53
N ALA B 333 40.98 4.69 9.68
CA ALA B 333 42.08 4.14 8.89
C ALA B 333 42.28 2.66 9.16
N LEU B 334 42.22 2.26 10.43
CA LEU B 334 42.43 0.88 10.81
C LEU B 334 41.30 -0.05 10.35
N VAL B 335 40.07 0.42 10.51
CA VAL B 335 38.89 -0.35 10.12
C VAL B 335 38.95 -0.72 8.64
N PHE B 336 39.11 0.30 7.78
CA PHE B 336 39.08 0.07 6.35
C PHE B 336 40.15 -0.91 5.88
N SER B 337 41.34 -0.82 6.47
CA SER B 337 42.44 -1.69 6.09
C SER B 337 42.21 -3.11 6.59
N LEU B 338 41.70 -3.25 7.82
CA LEU B 338 41.45 -4.56 8.40
C LEU B 338 40.21 -5.26 7.81
N ARG B 339 39.20 -4.49 7.41
CA ARG B 339 38.08 -5.04 6.63
C ARG B 339 38.59 -5.62 5.32
N CYS B 340 39.40 -4.83 4.61
CA CYS B 340 40.00 -5.26 3.34
C CYS B 340 40.87 -6.50 3.51
N TRP B 341 41.65 -6.52 4.59
CA TRP B 341 42.48 -7.67 4.95
C TRP B 341 41.64 -8.95 5.13
N ALA B 342 40.54 -8.84 5.88
CA ALA B 342 39.68 -9.97 6.14
C ALA B 342 39.05 -10.52 4.86
N ARG B 343 38.57 -9.61 4.00
CA ARG B 343 37.97 -10.00 2.73
C ARG B 343 38.98 -10.74 1.85
N VAL B 344 40.20 -10.23 1.78
CA VAL B 344 41.24 -10.79 0.92
C VAL B 344 41.64 -12.21 1.36
N HIS B 345 41.60 -12.47 2.66
CA HIS B 345 42.03 -13.76 3.19
C HIS B 345 40.86 -14.72 3.44
N GLY B 346 39.67 -14.35 2.93
CA GLY B 346 38.51 -15.21 3.03
C GLY B 346 38.01 -15.45 4.44
N LEU B 347 38.25 -14.49 5.33
CA LEU B 347 37.76 -14.58 6.70
C LEU B 347 36.33 -14.08 6.77
N THR B 348 36.02 -13.07 5.97
CA THR B 348 34.67 -12.56 5.83
C THR B 348 34.06 -13.05 4.54
N ASN B 349 32.74 -12.98 4.45
CA ASN B 349 32.01 -13.41 3.27
C ASN B 349 30.71 -12.65 3.09
N SER B 350 30.31 -12.44 1.84
CA SER B 350 29.07 -11.71 1.53
C SER B 350 27.82 -12.45 2.01
N VAL B 351 27.90 -13.78 2.10
CA VAL B 351 26.79 -14.58 2.62
C VAL B 351 26.96 -14.88 4.11
N PRO B 352 25.90 -14.67 4.92
CA PRO B 352 25.92 -15.06 6.34
C PRO B 352 26.32 -16.52 6.57
N GLY B 353 26.95 -16.80 7.72
CA GLY B 353 27.40 -18.15 8.04
C GLY B 353 28.29 -18.19 9.27
N THR B 354 29.29 -19.07 9.24
CA THR B 354 30.22 -19.23 10.36
C THR B 354 31.39 -18.24 10.32
N TRP B 355 31.46 -17.44 9.26
CA TRP B 355 32.48 -16.41 9.12
C TRP B 355 32.26 -15.28 10.11
N ILE B 356 33.35 -14.61 10.48
CA ILE B 356 33.24 -13.36 11.22
C ILE B 356 32.61 -12.32 10.29
N THR B 357 31.72 -11.50 10.85
CA THR B 357 31.12 -10.39 10.09
C THR B 357 31.93 -9.13 10.29
N ASN B 358 31.85 -8.23 9.32
CA ASN B 358 32.47 -6.92 9.40
C ASN B 358 32.07 -6.16 10.66
N PHE B 359 30.81 -6.31 11.06
CA PHE B 359 30.31 -5.70 12.28
C PHE B 359 31.10 -6.24 13.48
N SER B 360 31.22 -7.56 13.56
CA SER B 360 32.00 -8.18 14.64
C SER B 360 33.46 -7.74 14.60
N LEU B 361 34.06 -7.79 13.42
CA LEU B 361 35.45 -7.38 13.24
C LEU B 361 35.63 -5.92 13.67
N THR B 362 34.70 -5.07 13.20
CA THR B 362 34.72 -3.67 13.57
C THR B 362 34.66 -3.50 15.08
N MET B 363 33.87 -4.32 15.75
CA MET B 363 33.75 -4.27 17.20
C MET B 363 35.04 -4.72 17.89
N MET B 364 35.71 -5.73 17.32
CA MET B 364 37.00 -6.19 17.83
C MET B 364 38.05 -5.09 17.71
N ILE B 365 37.98 -4.32 16.63
CA ILE B 365 38.91 -3.20 16.44
C ILE B 365 38.67 -2.09 17.46
N MET B 366 37.41 -1.84 17.81
CA MET B 366 37.09 -0.81 18.82
C MET B 366 37.61 -1.25 20.19
N PHE B 367 37.45 -2.53 20.49
CA PHE B 367 37.96 -3.11 21.73
C PHE B 367 39.49 -2.97 21.84
N PHE B 368 40.19 -3.24 20.73
CA PHE B 368 41.64 -3.06 20.63
C PHE B 368 42.01 -1.64 20.98
N LEU B 369 41.30 -0.69 20.36
CA LEU B 369 41.58 0.73 20.53
C LEU B 369 41.21 1.23 21.93
N GLN B 370 40.27 0.56 22.57
CA GLN B 370 39.93 0.85 23.97
C GLN B 370 41.07 0.48 24.93
N LYS B 371 41.85 -0.55 24.57
CA LYS B 371 42.86 -1.11 25.49
C LYS B 371 44.29 -0.60 25.25
N ARG B 372 44.43 0.53 24.57
CA ARG B 372 45.75 1.15 24.36
C ARG B 372 46.19 1.93 25.59
N SER B 373 47.47 2.28 25.62
CA SER B 373 48.05 3.05 26.72
C SER B 373 48.60 4.36 26.16
N PRO B 374 47.83 5.44 26.28
CA PRO B 374 46.45 5.53 26.77
C PRO B 374 45.46 5.19 25.66
N PRO B 375 44.18 4.93 26.01
CA PRO B 375 43.18 4.55 25.00
C PRO B 375 43.01 5.58 23.89
N ILE B 376 42.92 5.12 22.65
CA ILE B 376 42.64 6.01 21.51
C ILE B 376 41.18 6.45 21.53
N ILE B 377 40.30 5.57 22.00
CA ILE B 377 38.87 5.88 22.17
C ILE B 377 38.38 5.43 23.54
N PRO B 378 37.37 6.13 24.08
CA PRO B 378 36.83 5.79 25.40
C PRO B 378 35.89 4.58 25.36
N THR B 379 35.55 4.06 26.53
CA THR B 379 34.62 2.94 26.63
C THR B 379 33.19 3.46 26.57
N LEU B 380 32.22 2.56 26.50
CA LEU B 380 30.82 2.95 26.42
C LEU B 380 30.33 3.48 27.76
N ASP B 381 30.76 2.82 28.85
CA ASP B 381 30.42 3.28 30.21
C ASP B 381 30.97 4.67 30.50
N GLN B 382 32.11 5.00 29.90
CA GLN B 382 32.66 6.36 30.01
C GLN B 382 31.77 7.36 29.27
N LEU B 383 31.26 6.95 28.11
CA LEU B 383 30.36 7.80 27.34
C LEU B 383 28.99 7.90 28.00
N LYS B 384 28.56 6.86 28.70
CA LYS B 384 27.34 6.90 29.48
C LYS B 384 27.42 7.94 30.60
N GLU B 385 28.55 7.98 31.30
CA GLU B 385 28.80 8.95 32.38
C GLU B 385 28.67 10.39 31.89
N LEU B 386 29.29 10.69 30.75
CA LEU B 386 29.26 12.03 30.16
C LEU B 386 27.88 12.39 29.55
N ALA B 387 27.05 11.37 29.32
CA ALA B 387 25.71 11.58 28.77
C ALA B 387 24.80 12.24 29.81
N ASP B 388 24.31 13.43 29.46
CA ASP B 388 23.36 14.14 30.32
C ASP B 388 21.94 13.62 30.09
N GLU B 389 20.96 14.32 30.68
CA GLU B 389 19.57 13.90 30.57
C GLU B 389 19.01 14.13 29.16
N LYS B 390 19.68 14.98 28.39
CA LYS B 390 19.34 15.19 26.97
C LYS B 390 19.59 13.95 26.12
N ASP B 391 20.60 13.16 26.50
CA ASP B 391 21.05 12.01 25.71
C ASP B 391 20.63 10.66 26.28
N LYS B 392 19.65 10.66 27.19
CA LYS B 392 19.22 9.41 27.85
C LYS B 392 18.31 8.61 26.91
N HIS B 393 18.62 7.33 26.72
CA HIS B 393 17.89 6.45 25.80
C HIS B 393 17.79 5.01 26.33
N VAL B 394 16.68 4.69 26.98
CA VAL B 394 16.42 3.31 27.43
C VAL B 394 15.49 2.65 26.42
N ILE B 395 15.80 1.42 26.03
CA ILE B 395 15.11 0.78 24.89
C ILE B 395 14.27 -0.42 25.33
N GLY B 396 14.77 -1.24 26.24
CA GLY B 396 14.04 -2.45 26.62
C GLY B 396 14.52 -2.91 27.97
N GLY B 397 14.49 -1.99 28.94
CA GLY B 397 15.09 -2.24 30.25
C GLY B 397 16.56 -1.85 30.28
N TYR B 398 17.26 -2.05 29.16
CA TYR B 398 18.71 -1.80 29.07
C TYR B 398 19.02 -0.35 28.66
N ASP B 399 19.91 0.27 29.43
CA ASP B 399 20.24 1.68 29.27
C ASP B 399 21.21 1.89 28.09
N CYS B 400 20.66 2.28 26.96
CA CYS B 400 21.45 2.51 25.75
C CYS B 400 21.86 3.98 25.61
N SER B 401 22.26 4.59 26.73
CA SER B 401 22.55 6.01 26.77
C SER B 401 24.03 6.30 26.63
N PHE B 402 24.36 7.33 25.84
CA PHE B 402 25.72 7.83 25.73
C PHE B 402 25.72 9.23 25.13
N VAL B 403 26.82 9.95 25.30
CA VAL B 403 26.91 11.35 24.86
C VAL B 403 26.74 11.47 23.35
N SER B 404 26.20 12.60 22.91
CA SER B 404 26.08 12.92 21.48
C SER B 404 27.06 14.02 21.08
N ASP B 405 27.36 14.93 22.01
CA ASP B 405 28.31 16.02 21.76
C ASP B 405 29.74 15.50 21.83
N LEU B 406 30.51 15.76 20.79
CA LEU B 406 31.90 15.31 20.72
C LEU B 406 32.83 16.15 21.58
N SER B 407 32.44 17.40 21.86
CA SER B 407 33.27 18.32 22.62
C SER B 407 33.46 17.85 24.05
N LYS B 408 32.43 17.20 24.59
CA LYS B 408 32.45 16.72 25.97
C LYS B 408 33.48 15.61 26.18
N ILE B 409 33.78 14.88 25.11
CA ILE B 409 34.80 13.84 25.17
C ILE B 409 36.18 14.47 25.06
N LYS B 410 37.01 14.26 26.08
CA LYS B 410 38.39 14.74 26.07
C LYS B 410 39.17 13.98 24.99
N PRO B 411 39.93 14.69 24.15
CA PRO B 411 40.75 14.01 23.15
C PRO B 411 41.76 13.04 23.77
N THR B 412 42.11 11.99 23.03
CA THR B 412 43.10 11.03 23.47
C THR B 412 44.50 11.66 23.50
N LYS B 413 45.37 11.12 24.34
CA LYS B 413 46.79 11.51 24.38
C LYS B 413 47.65 10.48 23.62
N ASN B 414 47.01 9.48 23.02
CA ASN B 414 47.74 8.45 22.29
C ASN B 414 48.35 8.98 21.00
N THR B 415 49.64 8.74 20.79
CA THR B 415 50.34 9.25 19.62
C THR B 415 50.95 8.12 18.79
N GLU B 416 50.48 6.90 19.02
CA GLU B 416 50.98 5.74 18.28
C GLU B 416 50.67 5.91 16.79
N THR B 417 51.60 5.50 15.94
CA THR B 417 51.42 5.55 14.49
C THR B 417 50.68 4.31 14.02
N LEU B 418 50.01 4.44 12.88
CA LEU B 418 49.24 3.33 12.31
C LEU B 418 50.12 2.10 12.07
N ASP B 419 51.39 2.34 11.73
CA ASP B 419 52.38 1.27 11.59
C ASP B 419 52.35 0.34 12.79
N GLU B 420 52.49 0.91 13.98
CA GLU B 420 52.50 0.15 15.22
C GLU B 420 51.14 -0.48 15.51
N LEU B 421 50.06 0.26 15.27
CA LEU B 421 48.72 -0.21 15.59
C LEU B 421 48.27 -1.38 14.71
N LEU B 422 48.61 -1.36 13.43
CA LEU B 422 48.26 -2.45 12.52
C LEU B 422 48.91 -3.76 12.96
N CYS B 423 50.21 -3.72 13.20
CA CYS B 423 50.94 -4.89 13.64
C CYS B 423 50.48 -5.34 15.01
N ASP B 424 50.29 -4.39 15.92
CA ASP B 424 49.82 -4.70 17.26
C ASP B 424 48.41 -5.27 17.28
N PHE B 425 47.58 -4.88 16.30
CA PHE B 425 46.24 -5.48 16.18
C PHE B 425 46.41 -6.97 15.94
N PHE B 426 47.16 -7.30 14.90
CA PHE B 426 47.48 -8.68 14.56
C PHE B 426 48.14 -9.40 15.74
N GLN B 427 49.12 -8.73 16.35
CA GLN B 427 49.82 -9.28 17.52
C GLN B 427 48.84 -9.55 18.66
N TYR B 428 48.04 -8.54 19.00
CA TYR B 428 47.11 -8.63 20.12
C TYR B 428 46.12 -9.79 19.98
N PHE B 429 45.37 -9.81 18.89
CA PHE B 429 44.34 -10.85 18.69
C PHE B 429 44.94 -12.19 18.26
N GLY B 430 46.16 -12.17 17.74
CA GLY B 430 46.89 -13.40 17.46
C GLY B 430 47.18 -14.20 18.72
N ASN B 431 47.52 -13.49 19.79
CA ASN B 431 47.83 -14.12 21.09
C ASN B 431 46.73 -13.93 22.13
N PHE B 432 45.50 -13.72 21.68
CA PHE B 432 44.37 -13.53 22.57
C PHE B 432 43.76 -14.89 22.92
N ASP B 433 43.48 -15.11 24.20
CA ASP B 433 42.84 -16.35 24.65
C ASP B 433 41.33 -16.23 24.46
N PHE B 434 40.85 -16.71 23.32
CA PHE B 434 39.43 -16.64 22.98
C PHE B 434 38.62 -17.71 23.68
N ARG B 435 39.28 -18.73 24.23
CA ARG B 435 38.60 -19.80 24.94
C ARG B 435 38.21 -19.37 26.37
N LYS B 436 39.04 -18.54 27.01
CA LYS B 436 38.77 -18.08 28.38
C LYS B 436 38.17 -16.68 28.45
N ASN B 437 38.57 -15.79 27.54
CA ASN B 437 38.18 -14.39 27.60
C ASN B 437 37.13 -13.98 26.56
N SER B 438 36.40 -12.91 26.89
CA SER B 438 35.43 -12.29 25.97
C SER B 438 35.68 -10.79 25.92
N LEU B 439 35.08 -10.14 24.91
CA LEU B 439 35.29 -8.71 24.69
C LEU B 439 34.09 -7.90 25.19
N ASN B 440 34.31 -7.11 26.24
CA ASN B 440 33.30 -6.20 26.76
C ASN B 440 33.67 -4.77 26.41
N LEU B 441 32.87 -4.13 25.56
CA LEU B 441 33.15 -2.77 25.10
C LEU B 441 32.59 -1.70 26.06
N ARG B 442 31.78 -2.10 27.02
CA ARG B 442 31.33 -1.19 28.07
C ARG B 442 32.45 -0.96 29.06
N LYS B 443 33.01 -2.05 29.57
CA LYS B 443 34.13 -2.01 30.50
C LYS B 443 35.46 -1.74 29.78
N GLY B 444 35.57 -2.22 28.55
CA GLY B 444 36.82 -2.15 27.80
C GLY B 444 37.85 -3.12 28.35
N LYS B 445 37.36 -4.26 28.86
CA LYS B 445 38.23 -5.24 29.50
C LYS B 445 37.92 -6.65 29.03
N GLU B 446 38.90 -7.54 29.17
CA GLU B 446 38.70 -8.97 28.97
C GLU B 446 37.99 -9.53 30.20
N VAL B 447 36.89 -10.25 29.98
CA VAL B 447 36.13 -10.86 31.08
C VAL B 447 35.80 -12.30 30.76
N ASN B 448 35.37 -13.05 31.78
CA ASN B 448 34.92 -14.43 31.59
C ASN B 448 33.71 -14.47 30.67
N LYS B 449 33.61 -15.54 29.91
CA LYS B 449 32.59 -15.65 28.88
C LYS B 449 31.29 -16.18 29.49
N PRO B 450 30.22 -15.36 29.48
CA PRO B 450 28.92 -15.82 30.00
C PRO B 450 28.42 -17.11 29.36
N GLU B 451 28.64 -17.22 28.05
CA GLU B 451 28.33 -18.42 27.28
C GLU B 451 29.64 -19.07 26.84
N SER B 452 29.57 -20.32 26.41
CA SER B 452 30.77 -21.06 25.99
C SER B 452 30.99 -21.03 24.46
N SER B 453 30.56 -19.94 23.82
CA SER B 453 30.77 -19.76 22.38
C SER B 453 32.26 -19.53 22.11
N PRO B 454 32.76 -19.93 20.93
CA PRO B 454 34.20 -19.81 20.68
C PRO B 454 34.71 -18.36 20.67
N LEU B 455 34.01 -17.50 19.94
CA LEU B 455 34.29 -16.07 19.92
C LEU B 455 33.11 -15.32 20.57
N TYR B 456 33.36 -14.74 21.75
CA TYR B 456 32.32 -14.00 22.46
C TYR B 456 32.66 -12.51 22.52
N ILE B 457 31.79 -11.71 21.91
CA ILE B 457 31.86 -10.25 22.01
C ILE B 457 30.54 -9.76 22.61
N TRP B 458 30.63 -9.09 23.75
CA TRP B 458 29.45 -8.62 24.47
C TRP B 458 28.70 -7.59 23.65
N ASN B 459 27.42 -7.87 23.38
CA ASN B 459 26.52 -6.88 22.79
C ASN B 459 26.42 -5.71 23.76
N PRO B 460 26.86 -4.51 23.33
CA PRO B 460 26.98 -3.39 24.27
C PRO B 460 25.66 -2.80 24.78
N PHE B 461 24.56 -3.06 24.09
CA PHE B 461 23.28 -2.47 24.44
C PHE B 461 22.24 -3.45 24.96
N GLU B 462 22.56 -4.75 24.96
CA GLU B 462 21.65 -5.77 25.42
C GLU B 462 22.35 -6.77 26.35
N GLN B 463 21.62 -7.21 27.39
CA GLN B 463 22.11 -8.22 28.32
C GLN B 463 22.18 -9.68 27.89
N ASP B 464 23.34 -10.28 28.14
CA ASP B 464 23.75 -11.57 27.62
C ASP B 464 23.47 -11.92 26.15
N LEU B 465 23.88 -11.02 25.26
CA LEU B 465 23.83 -11.31 23.83
C LEU B 465 25.25 -11.28 23.26
N ASN B 466 25.52 -12.21 22.36
CA ASN B 466 26.83 -12.36 21.75
C ASN B 466 26.71 -12.09 20.26
N ILE B 467 27.26 -10.95 19.84
CA ILE B 467 27.18 -10.52 18.45
C ILE B 467 27.90 -11.46 17.48
N SER B 468 28.85 -12.23 18.00
CA SER B 468 29.66 -13.16 17.21
C SER B 468 29.37 -14.61 17.56
N LYS B 469 28.14 -14.89 18.01
CA LYS B 469 27.74 -16.25 18.40
C LYS B 469 27.77 -17.21 17.21
N ASN B 470 27.53 -16.68 16.01
CA ASN B 470 27.58 -17.45 14.77
C ASN B 470 28.93 -18.11 14.47
N VAL B 471 30.01 -17.54 15.03
CA VAL B 471 31.38 -17.96 14.67
C VAL B 471 31.75 -19.28 15.36
N ASN B 472 32.26 -20.21 14.57
CA ASN B 472 32.67 -21.53 15.05
C ASN B 472 34.18 -21.58 15.33
N GLN B 473 34.67 -22.74 15.77
CA GLN B 473 36.08 -22.88 16.12
C GLN B 473 37.01 -22.84 14.90
N PRO B 474 36.68 -23.55 13.81
CA PRO B 474 37.51 -23.50 12.61
C PRO B 474 37.77 -22.10 12.08
N GLN B 475 36.72 -21.30 11.93
CA GLN B 475 36.83 -19.96 11.35
C GLN B 475 37.62 -19.02 12.23
N LEU B 476 37.42 -19.11 13.55
CA LEU B 476 38.18 -18.34 14.52
C LEU B 476 39.66 -18.68 14.44
N GLU B 477 39.96 -19.99 14.36
CA GLU B 477 41.34 -20.45 14.31
C GLU B 477 42.05 -19.97 13.04
N LYS B 478 41.34 -19.94 11.92
CA LYS B 478 41.89 -19.44 10.67
C LYS B 478 42.20 -17.95 10.76
N PHE B 479 41.33 -17.21 11.44
CA PHE B 479 41.54 -15.78 11.70
C PHE B 479 42.79 -15.58 12.56
N VAL B 480 42.89 -16.33 13.64
CA VAL B 480 44.05 -16.27 14.52
C VAL B 480 45.34 -16.57 13.76
N ALA B 481 45.28 -17.56 12.87
CA ALA B 481 46.45 -17.94 12.08
C ALA B 481 46.82 -16.84 11.08
N MET B 482 45.81 -16.28 10.40
CA MET B 482 46.03 -15.19 9.45
C MET B 482 46.58 -13.96 10.17
N ALA B 483 46.03 -13.70 11.35
CA ALA B 483 46.50 -12.60 12.19
C ALA B 483 47.96 -12.81 12.59
N ARG B 484 48.30 -14.04 12.95
CA ARG B 484 49.68 -14.35 13.36
C ARG B 484 50.66 -14.28 12.19
N GLU B 485 50.26 -14.81 11.05
CA GLU B 485 51.09 -14.74 9.84
C GLU B 485 51.31 -13.27 9.45
N SER B 486 50.24 -12.49 9.51
CA SER B 486 50.30 -11.08 9.12
C SER B 486 51.23 -10.29 10.01
N ALA B 487 51.18 -10.54 11.32
CA ALA B 487 52.10 -9.92 12.26
C ALA B 487 53.55 -10.30 11.95
N TRP B 488 53.80 -11.59 11.75
CA TRP B 488 55.14 -12.08 11.43
C TRP B 488 55.69 -11.41 10.18
N ILE B 489 54.88 -11.37 9.12
CA ILE B 489 55.26 -10.71 7.88
C ILE B 489 55.72 -9.28 8.17
N LEU B 490 54.91 -8.53 8.92
CA LEU B 490 55.22 -7.13 9.21
C LEU B 490 56.42 -6.93 10.14
N GLN B 491 56.53 -7.75 11.17
CA GLN B 491 57.59 -7.60 12.17
C GLN B 491 58.97 -7.82 11.57
N LYS B 492 59.10 -8.86 10.75
CA LYS B 492 60.39 -9.31 10.26
C LYS B 492 60.46 -9.30 8.73
N GLU B 493 60.11 -8.17 8.13
CA GLU B 493 60.31 -7.95 6.69
C GLU B 493 61.29 -6.82 6.43
N ASP B 494 62.02 -6.94 5.33
CA ASP B 494 62.93 -5.88 4.89
C ASP B 494 62.16 -4.94 3.98
N LYS B 495 61.64 -3.85 4.55
CA LYS B 495 60.78 -2.92 3.83
C LYS B 495 61.50 -2.26 2.66
N THR B 496 62.72 -1.79 2.91
CA THR B 496 63.52 -1.10 1.90
C THR B 496 63.90 -2.03 0.74
N GLN B 497 64.34 -3.25 1.07
CA GLN B 497 64.75 -4.24 0.06
C GLN B 497 63.59 -4.66 -0.85
N GLN B 498 62.38 -4.71 -0.28
CA GLN B 498 61.18 -5.07 -1.04
C GLN B 498 60.77 -3.97 -2.02
N MET B 499 60.95 -2.71 -1.62
CA MET B 499 60.75 -1.57 -2.54
C MET B 499 61.76 -1.65 -3.69
N ILE B 500 63.01 -1.96 -3.37
CA ILE B 500 64.06 -2.16 -4.37
C ILE B 500 63.73 -3.33 -5.28
N ASN B 501 63.38 -4.47 -4.68
CA ASN B 501 62.98 -5.67 -5.43
C ASN B 501 61.63 -5.54 -6.18
N LYS B 502 60.97 -4.39 -6.05
CA LYS B 502 59.68 -4.12 -6.72
C LYS B 502 58.59 -5.08 -6.28
N GLU B 503 58.63 -5.46 -4.99
CA GLU B 503 57.69 -6.42 -4.43
C GLU B 503 56.85 -5.77 -3.33
N PRO B 504 55.78 -6.45 -2.88
CA PRO B 504 54.91 -5.89 -1.83
C PRO B 504 55.60 -5.70 -0.47
N TRP B 505 55.12 -4.72 0.29
CA TRP B 505 55.64 -4.43 1.62
C TRP B 505 54.57 -3.73 2.46
N GLY B 506 54.67 -3.85 3.77
CA GLY B 506 53.73 -3.19 4.69
C GLY B 506 52.31 -3.71 4.55
N LEU B 507 51.36 -2.77 4.46
CA LEU B 507 49.94 -3.11 4.27
C LEU B 507 49.74 -3.96 3.01
N ALA B 508 50.47 -3.63 1.94
CA ALA B 508 50.34 -4.34 0.67
C ALA B 508 50.71 -5.82 0.79
N ALA B 509 51.70 -6.11 1.65
CA ALA B 509 52.14 -7.48 1.86
C ALA B 509 51.09 -8.33 2.56
N VAL B 510 50.31 -7.71 3.46
CA VAL B 510 49.23 -8.41 4.15
C VAL B 510 47.89 -8.34 3.39
N LEU B 511 47.86 -7.63 2.26
CA LEU B 511 46.66 -7.57 1.43
C LEU B 511 46.76 -8.41 0.16
N ILE B 512 47.72 -9.34 0.14
CA ILE B 512 47.81 -10.36 -0.92
C ILE B 512 47.78 -11.76 -0.29
N PRO B 513 47.21 -12.73 -1.01
CA PRO B 513 47.06 -14.08 -0.42
C PRO B 513 48.39 -14.71 -0.02
N PHE B 514 48.36 -15.64 0.94
CA PHE B 514 49.56 -16.33 1.40
C PHE B 514 49.69 -17.68 0.71
#